data_3UN9
#
_entry.id   3UN9
#
_cell.length_a   99.011
_cell.length_b   123.469
_cell.length_c   145.848
_cell.angle_alpha   90.00
_cell.angle_beta   90.00
_cell.angle_gamma   90.00
#
_symmetry.space_group_name_H-M   'C 2 2 21'
#
loop_
_entity.id
_entity.type
_entity.pdbx_description
1 polymer 'NLR family member X1'
2 non-polymer 'PLATINUM (II) ION'
3 water water
#
_entity_poly.entity_id   1
_entity_poly.type   'polypeptide(L)'
_entity_poly.pdbx_seq_one_letter_code
;MLLVGLLSAHNRAVLAQLGCPIKNLDALENAQAIKKKLGKLGRQVLPPSELLDHLFFHYEFQNQRFSAEVLSSLRQLNLA
GVRMTPVKCTVVAAVLGSGRHALDEVNLASCQLDPAGLRTLLPVFLRARKLGLQLNSLGPEACKDLRDLLLHDQCQITTL
RLSNNPLTAAGVAVLMEGLAGNTSVTHLSLLHTGLGDEGLELLAAQLDRNRQLQELNVAYNGAGDTAALALARAAREHPS
LELLHLYFNELSSEGRQVLRDLGGAAEGGARVVVSLTEGTAVSEYWSVILSEVQRNLNSWDRARVQRHLELLLRDLEDSR
GATLNPWRKAQLLRVEGEVRALLEQLGSSGSPSGSWSHPQFEKGAGHHHHHH
;
_entity_poly.pdbx_strand_id   A,B,C
#
loop_
_chem_comp.id
_chem_comp.type
_chem_comp.name
_chem_comp.formula
PT non-polymer 'PLATINUM (II) ION' 'Pt 2'
#
# COMPACT_ATOMS: atom_id res chain seq x y z
N ARG A 43 25.18 -8.14 -6.27
CA ARG A 43 24.11 -8.15 -7.32
C ARG A 43 22.76 -8.39 -6.67
N GLN A 44 21.86 -7.43 -6.94
CA GLN A 44 20.59 -7.30 -6.27
C GLN A 44 19.53 -8.29 -6.82
N VAL A 45 18.82 -8.98 -5.92
CA VAL A 45 17.78 -9.94 -6.30
C VAL A 45 16.37 -9.40 -5.93
N LEU A 46 16.26 -8.67 -4.82
CA LEU A 46 14.99 -8.08 -4.42
C LEU A 46 14.65 -6.82 -5.22
N PRO A 47 13.39 -6.65 -5.59
CA PRO A 47 12.90 -5.38 -6.15
C PRO A 47 12.97 -4.24 -5.11
N PRO A 48 12.94 -2.98 -5.59
CA PRO A 48 12.98 -1.79 -4.73
C PRO A 48 12.22 -1.81 -3.39
N SER A 49 10.91 -1.97 -3.37
CA SER A 49 10.22 -1.94 -2.05
C SER A 49 10.56 -3.16 -1.19
N GLU A 50 10.71 -4.30 -1.83
CA GLU A 50 11.11 -5.48 -1.13
C GLU A 50 12.51 -5.28 -0.58
N LEU A 51 13.41 -4.69 -1.36
CA LEU A 51 14.77 -4.37 -0.84
C LEU A 51 14.75 -3.43 0.34
N LEU A 52 13.89 -2.42 0.29
CA LEU A 52 13.78 -1.49 1.40
C LEU A 52 13.25 -2.14 2.66
N ASP A 53 12.24 -2.99 2.55
CA ASP A 53 11.74 -3.78 3.68
C ASP A 53 12.88 -4.51 4.37
N HIS A 54 13.69 -5.18 3.57
CA HIS A 54 14.80 -5.98 4.04
C HIS A 54 15.83 -5.10 4.78
N LEU A 55 16.11 -3.90 4.24
CA LEU A 55 17.03 -3.02 4.94
C LEU A 55 16.43 -2.57 6.28
N PHE A 56 15.12 -2.33 6.28
CA PHE A 56 14.42 -1.93 7.48
C PHE A 56 14.56 -3.00 8.55
N PHE A 57 14.46 -4.24 8.14
CA PHE A 57 14.46 -5.25 9.13
C PHE A 57 15.83 -5.23 9.81
N HIS A 58 16.89 -5.03 9.03
CA HIS A 58 18.23 -5.14 9.58
C HIS A 58 18.53 -3.98 10.46
N TYR A 59 18.02 -2.81 10.08
CA TYR A 59 18.20 -1.60 10.88
C TYR A 59 17.52 -1.80 12.22
N GLU A 60 16.31 -2.30 12.13
CA GLU A 60 15.49 -2.54 13.28
C GLU A 60 16.10 -3.64 14.19
N PHE A 61 16.58 -4.73 13.58
CA PHE A 61 17.27 -5.78 14.31
C PHE A 61 18.50 -5.28 15.04
N GLN A 62 19.31 -4.44 14.41
CA GLN A 62 20.54 -3.92 15.04
C GLN A 62 20.26 -2.96 16.19
N ASN A 63 19.14 -2.26 16.11
CA ASN A 63 18.85 -1.21 17.05
C ASN A 63 17.86 -1.61 18.09
N GLN A 64 17.58 -2.91 18.17
CA GLN A 64 16.47 -3.42 18.95
C GLN A 64 16.51 -2.99 20.42
N ARG A 65 17.66 -3.22 21.06
CA ARG A 65 17.83 -2.85 22.46
C ARG A 65 17.67 -1.37 22.72
N PHE A 66 18.28 -0.55 21.87
CA PHE A 66 18.19 0.90 21.98
C PHE A 66 16.75 1.44 21.85
N SER A 67 16.02 1.00 20.83
CA SER A 67 14.72 1.61 20.55
C SER A 67 13.61 1.05 21.43
N ALA A 68 13.84 -0.14 21.97
CA ALA A 68 12.98 -0.70 23.02
C ALA A 68 12.92 0.23 24.23
N GLU A 69 14.07 0.81 24.59
CA GLU A 69 14.14 1.77 25.70
C GLU A 69 13.39 3.04 25.34
N VAL A 70 13.64 3.57 24.15
CA VAL A 70 12.97 4.78 23.66
C VAL A 70 11.45 4.64 23.77
N LEU A 71 10.91 3.50 23.31
CA LEU A 71 9.47 3.22 23.38
C LEU A 71 8.87 3.35 24.77
N SER A 72 9.52 2.77 25.77
CA SER A 72 8.97 2.79 27.12
C SER A 72 8.78 4.20 27.74
N SER A 73 9.29 5.27 27.12
CA SER A 73 9.17 6.62 27.69
C SER A 73 8.54 7.61 26.72
N LEU A 74 7.70 7.07 25.84
CA LEU A 74 6.92 7.88 24.94
C LEU A 74 5.81 8.61 25.67
N ARG A 75 5.51 9.81 25.16
CA ARG A 75 4.55 10.73 25.76
C ARG A 75 3.45 11.09 24.77
N GLN A 76 3.63 10.71 23.51
CA GLN A 76 2.75 11.14 22.41
C GLN A 76 2.50 9.98 21.50
N LEU A 77 1.31 9.87 20.93
CA LEU A 77 1.06 8.73 20.06
C LEU A 77 0.14 9.14 18.97
N ASN A 78 0.72 9.41 17.81
CA ASN A 78 -0.03 9.74 16.65
C ASN A 78 -0.07 8.62 15.59
N LEU A 79 -1.22 7.97 15.42
CA LEU A 79 -1.42 6.93 14.40
C LEU A 79 -2.46 7.39 13.37
N ALA A 80 -2.70 8.68 13.31
CA ALA A 80 -3.65 9.18 12.36
C ALA A 80 -3.44 8.74 10.93
N GLY A 81 -4.52 8.33 10.29
CA GLY A 81 -4.52 7.86 8.93
C GLY A 81 -4.18 6.41 8.71
N VAL A 82 -3.71 5.67 9.72
CA VAL A 82 -3.47 4.25 9.44
C VAL A 82 -4.67 3.38 9.77
N ARG A 83 -4.96 2.43 8.90
CA ARG A 83 -6.07 1.48 9.10
C ARG A 83 -5.76 0.55 10.28
N MET A 84 -6.37 0.85 11.41
CA MET A 84 -6.17 0.10 12.65
C MET A 84 -7.03 -1.15 12.71
N THR A 85 -6.51 -2.24 12.18
CA THR A 85 -7.22 -3.51 12.15
C THR A 85 -7.16 -4.12 13.54
N PRO A 86 -7.96 -5.14 13.84
CA PRO A 86 -7.80 -5.88 15.11
C PRO A 86 -6.32 -6.18 15.53
N VAL A 87 -5.50 -6.59 14.58
CA VAL A 87 -4.14 -6.99 14.88
C VAL A 87 -3.26 -5.81 15.25
N LYS A 88 -3.38 -4.73 14.51
CA LYS A 88 -2.67 -3.50 14.83
C LYS A 88 -3.14 -3.00 16.17
N CYS A 89 -4.44 -3.08 16.43
CA CYS A 89 -4.95 -2.75 17.72
C CYS A 89 -4.28 -3.58 18.82
N THR A 90 -4.26 -4.89 18.63
CA THR A 90 -3.65 -5.77 19.56
C THR A 90 -2.19 -5.41 19.81
N VAL A 91 -1.44 -5.15 18.74
CA VAL A 91 -0.01 -4.87 18.90
C VAL A 91 0.20 -3.60 19.73
N VAL A 92 -0.59 -2.55 19.45
CA VAL A 92 -0.39 -1.26 20.07
C VAL A 92 -0.71 -1.34 21.55
N ALA A 93 -1.81 -2.02 21.88
CA ALA A 93 -2.13 -2.27 23.28
C ALA A 93 -0.97 -3.01 23.94
N ALA A 94 -0.40 -4.00 23.25
CA ALA A 94 0.58 -4.86 23.92
C ALA A 94 1.82 -4.04 24.22
N VAL A 95 2.33 -3.34 23.21
CA VAL A 95 3.58 -2.65 23.36
C VAL A 95 3.42 -1.39 24.20
N LEU A 96 2.28 -0.71 24.09
CA LEU A 96 2.12 0.59 24.75
C LEU A 96 1.05 0.62 25.81
N GLY A 97 0.48 -0.54 26.16
CA GLY A 97 -0.56 -0.59 27.17
C GLY A 97 -0.10 0.01 28.47
N SER A 98 1.19 -0.12 28.77
CA SER A 98 1.75 0.45 29.98
C SER A 98 3.00 1.25 29.68
N GLY A 99 3.31 2.19 30.58
CA GLY A 99 4.55 2.97 30.50
C GLY A 99 4.68 3.98 31.63
N ARG A 100 5.88 4.53 31.77
CA ARG A 100 6.18 5.58 32.74
C ARG A 100 5.15 6.71 32.72
N HIS A 101 5.07 7.42 31.62
CA HIS A 101 4.44 8.71 31.67
C HIS A 101 3.00 8.58 31.18
N ALA A 102 2.22 9.63 31.37
CA ALA A 102 0.92 9.73 30.74
C ALA A 102 1.26 10.01 29.31
N LEU A 103 0.27 9.76 28.42
CA LEU A 103 0.42 10.08 27.02
C LEU A 103 -0.25 11.42 26.87
N ASP A 104 0.58 12.44 26.71
CA ASP A 104 0.05 13.78 26.64
C ASP A 104 -1.02 13.86 25.57
N GLU A 105 -0.81 13.16 24.46
CA GLU A 105 -1.80 13.15 23.37
C GLU A 105 -1.86 11.80 22.65
N VAL A 106 -3.08 11.38 22.35
CA VAL A 106 -3.30 10.19 21.56
C VAL A 106 -4.21 10.51 20.39
N ASN A 107 -3.61 10.49 19.22
CA ASN A 107 -4.33 10.83 18.01
C ASN A 107 -4.49 9.64 17.08
N LEU A 108 -5.76 9.24 16.89
CA LEU A 108 -6.18 8.13 16.03
C LEU A 108 -7.31 8.57 15.04
N ALA A 109 -7.26 9.82 14.65
CA ALA A 109 -8.19 10.31 13.67
C ALA A 109 -8.04 9.49 12.42
N SER A 110 -9.17 9.20 11.79
CA SER A 110 -9.13 8.66 10.46
C SER A 110 -8.47 7.27 10.47
N CYS A 111 -8.79 6.44 11.46
CA CYS A 111 -8.15 5.13 11.55
C CYS A 111 -9.04 3.93 11.28
N GLN A 112 -10.26 4.16 10.81
CA GLN A 112 -11.24 3.07 10.53
C GLN A 112 -11.39 2.13 11.73
N LEU A 113 -11.47 2.73 12.88
CA LEU A 113 -11.55 2.01 14.13
C LEU A 113 -12.97 1.47 14.36
N ASP A 114 -13.09 0.25 14.84
CA ASP A 114 -14.42 -0.27 15.23
C ASP A 114 -14.51 -0.35 16.78
N PRO A 115 -15.73 -0.60 17.33
CA PRO A 115 -15.91 -0.95 18.74
C PRO A 115 -14.87 -1.94 19.31
N ALA A 116 -14.63 -3.04 18.62
CA ALA A 116 -13.77 -4.06 19.18
C ALA A 116 -12.36 -3.49 19.36
N GLY A 117 -11.90 -2.78 18.33
CA GLY A 117 -10.56 -2.21 18.34
C GLY A 117 -10.46 -1.20 19.46
N LEU A 118 -11.55 -0.46 19.68
CA LEU A 118 -11.70 0.38 20.85
C LEU A 118 -11.49 -0.35 22.15
N ARG A 119 -12.22 -1.45 22.36
CA ARG A 119 -12.06 -2.17 23.58
C ARG A 119 -10.63 -2.58 23.70
N THR A 120 -10.03 -3.04 22.59
CA THR A 120 -8.65 -3.53 22.65
C THR A 120 -7.78 -2.38 23.13
N LEU A 121 -8.06 -1.19 22.62
CA LEU A 121 -7.20 -0.04 22.85
C LEU A 121 -7.42 0.69 24.18
N LEU A 122 -8.32 0.15 25.01
CA LEU A 122 -8.65 0.80 26.28
C LEU A 122 -7.43 1.02 27.19
N PRO A 123 -6.57 0.02 27.35
CA PRO A 123 -5.49 0.38 28.27
C PRO A 123 -4.64 1.56 27.75
N VAL A 124 -4.52 1.70 26.44
CA VAL A 124 -3.76 2.82 25.89
C VAL A 124 -4.52 4.11 26.13
N PHE A 125 -5.83 4.07 25.93
CA PHE A 125 -6.69 5.23 26.17
C PHE A 125 -6.69 5.70 27.63
N LEU A 126 -6.56 4.76 28.57
CA LEU A 126 -6.50 5.16 29.97
C LEU A 126 -5.22 5.96 30.27
N ARG A 127 -4.20 5.84 29.43
CA ARG A 127 -2.96 6.60 29.62
C ARG A 127 -3.06 8.05 29.07
N ALA A 128 -4.11 8.32 28.32
CA ALA A 128 -4.18 9.55 27.52
C ALA A 128 -4.75 10.76 28.24
N ARG A 129 -4.11 11.91 28.03
CA ARG A 129 -4.64 13.20 28.48
C ARG A 129 -5.59 13.71 27.43
N LYS A 130 -5.12 13.66 26.18
CA LYS A 130 -5.90 14.13 25.02
C LYS A 130 -6.09 13.00 24.08
N LEU A 131 -7.32 12.82 23.63
CA LEU A 131 -7.69 11.65 22.84
C LEU A 131 -8.46 12.06 21.61
N GLY A 132 -7.84 11.97 20.45
CA GLY A 132 -8.52 12.24 19.18
C GLY A 132 -9.02 11.01 18.44
N LEU A 133 -10.30 10.94 18.19
CA LEU A 133 -10.90 9.75 17.59
C LEU A 133 -11.82 10.20 16.43
N GLN A 134 -11.57 11.38 15.90
CA GLN A 134 -12.40 11.87 14.81
C GLN A 134 -12.35 10.94 13.63
N LEU A 135 -13.37 11.05 12.79
CA LEU A 135 -13.37 10.39 11.50
C LEU A 135 -13.12 8.89 11.59
N ASN A 136 -13.82 8.21 12.48
CA ASN A 136 -13.63 6.78 12.66
C ASN A 136 -14.87 5.94 12.51
N SER A 137 -15.92 6.58 12.05
CA SER A 137 -17.13 5.82 11.73
C SER A 137 -17.78 5.16 12.94
N LEU A 138 -17.37 5.60 14.14
CA LEU A 138 -17.98 5.17 15.39
C LEU A 138 -19.49 5.48 15.44
N GLY A 139 -20.29 4.48 15.76
CA GLY A 139 -21.73 4.64 15.98
C GLY A 139 -22.16 4.42 17.43
N PRO A 140 -23.46 4.22 17.65
CA PRO A 140 -23.98 3.94 19.00
C PRO A 140 -23.29 2.73 19.67
N GLU A 141 -22.95 1.72 18.86
CA GLU A 141 -22.30 0.54 19.37
C GLU A 141 -21.05 0.96 20.15
N ALA A 142 -20.22 1.82 19.55
CA ALA A 142 -18.96 2.22 20.19
C ALA A 142 -19.12 3.13 21.41
N CYS A 143 -20.31 3.68 21.59
CA CYS A 143 -20.53 4.60 22.70
C CYS A 143 -20.50 3.93 24.06
N LYS A 144 -20.90 2.66 24.11
CA LYS A 144 -20.85 1.92 25.36
C LYS A 144 -19.40 1.76 25.82
N ASP A 145 -18.51 1.49 24.89
CA ASP A 145 -17.11 1.37 25.22
C ASP A 145 -16.51 2.71 25.69
N LEU A 146 -16.89 3.82 25.03
CA LEU A 146 -16.49 5.15 25.50
C LEU A 146 -17.04 5.46 26.88
N ARG A 147 -18.33 5.16 27.04
CA ARG A 147 -19.01 5.28 28.34
C ARG A 147 -18.14 4.65 29.42
N ASP A 148 -17.72 3.41 29.20
CA ASP A 148 -16.96 2.68 30.21
C ASP A 148 -15.58 3.27 30.43
N LEU A 149 -14.96 3.75 29.35
CA LEU A 149 -13.70 4.46 29.44
C LEU A 149 -13.85 5.69 30.34
N LEU A 150 -14.92 6.45 30.15
CA LEU A 150 -15.16 7.66 30.95
C LEU A 150 -15.47 7.37 32.42
N LEU A 151 -16.08 6.21 32.67
CA LEU A 151 -16.43 5.82 34.03
C LEU A 151 -15.30 5.16 34.80
N HIS A 152 -14.23 4.80 34.11
CA HIS A 152 -13.11 4.06 34.68
C HIS A 152 -12.33 4.92 35.64
N ASP A 153 -12.09 4.37 36.83
CA ASP A 153 -11.38 5.06 37.92
C ASP A 153 -10.05 5.70 37.49
N GLN A 154 -9.34 5.04 36.58
CA GLN A 154 -8.07 5.54 36.06
C GLN A 154 -8.17 6.58 34.92
N CYS A 155 -9.38 6.92 34.52
CA CYS A 155 -9.56 7.93 33.47
C CYS A 155 -8.94 9.28 33.83
N GLN A 156 -8.06 9.76 32.96
CA GLN A 156 -7.44 11.07 33.14
C GLN A 156 -7.49 11.85 31.84
N ILE A 157 -8.47 11.53 31.01
CA ILE A 157 -8.69 12.25 29.76
C ILE A 157 -9.28 13.63 30.01
N THR A 158 -8.64 14.66 29.47
CA THR A 158 -9.14 16.01 29.70
C THR A 158 -9.85 16.51 28.48
N THR A 159 -9.33 16.16 27.30
CA THR A 159 -9.87 16.58 25.99
C THR A 159 -10.22 15.34 25.17
N LEU A 160 -11.49 15.19 24.79
CA LEU A 160 -11.92 14.01 24.02
C LEU A 160 -12.58 14.55 22.78
N ARG A 161 -12.06 14.22 21.59
CA ARG A 161 -12.61 14.73 20.32
C ARG A 161 -13.23 13.60 19.57
N LEU A 162 -14.54 13.61 19.46
CA LEU A 162 -15.26 12.53 18.81
C LEU A 162 -15.91 12.96 17.49
N SER A 163 -15.51 14.11 16.94
CA SER A 163 -16.21 14.66 15.80
C SER A 163 -16.11 13.84 14.57
N ASN A 164 -17.04 14.06 13.64
CA ASN A 164 -17.16 13.25 12.42
C ASN A 164 -17.21 11.74 12.68
N ASN A 165 -18.04 11.38 13.64
CA ASN A 165 -18.46 9.99 13.83
C ASN A 165 -19.97 9.98 13.97
N PRO A 166 -20.65 9.08 13.28
CA PRO A 166 -22.13 9.02 13.41
C PRO A 166 -22.54 8.41 14.77
N LEU A 167 -22.25 9.13 15.85
CA LEU A 167 -22.68 8.75 17.18
C LEU A 167 -24.22 8.61 17.31
N THR A 168 -24.98 9.63 16.89
CA THR A 168 -26.44 9.59 17.00
C THR A 168 -26.94 10.07 18.38
N ALA A 169 -28.24 10.34 18.48
CA ALA A 169 -28.86 10.71 19.77
C ALA A 169 -28.81 9.55 20.73
N ALA A 170 -29.27 8.38 20.30
CA ALA A 170 -28.99 7.15 21.02
C ALA A 170 -27.52 7.08 21.49
N GLY A 171 -26.56 7.34 20.60
CA GLY A 171 -25.14 7.22 21.00
C GLY A 171 -24.69 8.21 22.10
N VAL A 172 -25.14 9.46 21.97
CA VAL A 172 -24.83 10.48 22.93
C VAL A 172 -25.56 10.24 24.26
N ALA A 173 -26.77 9.74 24.22
CA ALA A 173 -27.43 9.30 25.48
C ALA A 173 -26.51 8.36 26.29
N VAL A 174 -25.98 7.34 25.61
CA VAL A 174 -25.09 6.42 26.29
C VAL A 174 -23.82 7.16 26.74
N LEU A 175 -23.31 8.03 25.87
CA LEU A 175 -22.09 8.72 26.21
C LEU A 175 -22.29 9.59 27.42
N MET A 176 -23.46 10.22 27.46
CA MET A 176 -23.78 11.15 28.51
C MET A 176 -23.65 10.48 29.85
N GLU A 177 -24.12 9.24 29.99
CA GLU A 177 -24.07 8.49 31.26
C GLU A 177 -22.64 8.35 31.75
N GLY A 178 -21.72 8.17 30.81
CA GLY A 178 -20.31 8.06 31.16
C GLY A 178 -19.86 9.42 31.64
N LEU A 179 -20.27 10.44 30.92
CA LEU A 179 -19.89 11.78 31.28
C LEU A 179 -20.40 12.11 32.67
N ALA A 180 -21.54 11.53 33.03
CA ALA A 180 -22.14 11.80 34.33
C ALA A 180 -21.22 11.37 35.44
N GLY A 181 -20.55 10.24 35.27
CA GLY A 181 -19.64 9.75 36.30
C GLY A 181 -18.17 10.00 36.04
N ASN A 182 -17.84 11.01 35.24
CA ASN A 182 -16.46 11.36 34.94
C ASN A 182 -16.10 12.67 35.62
N THR A 183 -14.84 12.84 36.02
CA THR A 183 -14.42 14.15 36.53
C THR A 183 -13.22 14.71 35.78
N SER A 184 -12.72 13.96 34.83
CA SER A 184 -11.48 14.38 34.20
C SER A 184 -11.72 15.27 32.99
N VAL A 185 -12.69 14.90 32.15
CA VAL A 185 -12.92 15.61 30.90
C VAL A 185 -13.40 17.03 31.04
N THR A 186 -12.59 17.95 30.53
CA THR A 186 -12.96 19.37 30.49
C THR A 186 -13.37 19.79 29.07
N HIS A 187 -12.78 19.20 28.03
CA HIS A 187 -13.12 19.63 26.63
C HIS A 187 -13.64 18.47 25.84
N LEU A 188 -14.83 18.65 25.30
CA LEU A 188 -15.49 17.59 24.57
C LEU A 188 -15.97 18.10 23.27
N SER A 189 -15.58 17.42 22.21
CA SER A 189 -16.11 17.81 20.89
C SER A 189 -17.04 16.79 20.20
N LEU A 190 -18.25 17.24 19.90
CA LEU A 190 -19.23 16.43 19.20
C LEU A 190 -19.61 16.97 17.84
N LEU A 191 -18.76 17.76 17.23
CA LEU A 191 -19.08 18.35 15.94
C LEU A 191 -19.48 17.22 14.96
N HIS A 192 -20.57 17.43 14.22
CA HIS A 192 -21.02 16.57 13.16
C HIS A 192 -21.01 15.14 13.64
N THR A 193 -21.85 14.86 14.62
CA THR A 193 -21.96 13.49 15.07
C THR A 193 -23.37 12.97 15.00
N GLY A 194 -24.22 13.57 14.18
CA GLY A 194 -25.54 13.00 13.96
C GLY A 194 -26.56 13.21 15.08
N LEU A 195 -26.30 14.19 15.94
CA LEU A 195 -27.14 14.42 17.11
C LEU A 195 -28.57 14.83 16.81
N GLY A 196 -28.71 15.83 15.96
CA GLY A 196 -30.01 16.49 15.77
C GLY A 196 -30.66 17.17 16.97
N ASP A 197 -31.91 17.55 16.78
CA ASP A 197 -32.77 18.01 17.87
C ASP A 197 -32.78 17.00 19.06
N GLU A 198 -33.04 15.72 18.79
CA GLU A 198 -33.12 14.77 19.91
C GLU A 198 -31.84 14.83 20.72
N GLY A 199 -30.71 14.85 20.02
CA GLY A 199 -29.39 14.78 20.65
C GLY A 199 -29.13 15.98 21.52
N LEU A 200 -29.48 17.17 21.05
CA LEU A 200 -29.07 18.38 21.74
C LEU A 200 -29.96 18.62 22.93
N GLU A 201 -31.24 18.33 22.76
CA GLU A 201 -32.20 18.27 23.89
C GLU A 201 -31.77 17.33 24.99
N LEU A 202 -31.28 16.16 24.60
CA LEU A 202 -30.68 15.30 25.58
C LEU A 202 -29.54 15.95 26.37
N LEU A 203 -28.59 16.57 25.68
CA LEU A 203 -27.49 17.18 26.39
C LEU A 203 -28.00 18.23 27.35
N ALA A 204 -28.97 19.01 26.89
CA ALA A 204 -29.54 20.15 27.65
C ALA A 204 -30.11 19.66 28.95
N ALA A 205 -30.91 18.61 28.87
CA ALA A 205 -31.49 18.00 30.07
C ALA A 205 -30.45 17.36 31.02
N GLN A 206 -29.35 16.81 30.48
CA GLN A 206 -28.44 15.99 31.31
C GLN A 206 -27.19 16.71 31.79
N LEU A 207 -26.84 17.78 31.09
CA LEU A 207 -25.58 18.48 31.27
C LEU A 207 -25.14 18.68 32.72
N ASP A 208 -25.95 19.39 33.50
CA ASP A 208 -25.62 19.71 34.87
C ASP A 208 -25.19 18.51 35.76
N ARG A 209 -25.43 17.29 35.26
CA ARG A 209 -24.93 16.08 35.91
C ARG A 209 -23.40 15.96 35.86
N ASN A 210 -22.78 16.60 34.85
CA ASN A 210 -21.35 16.84 34.88
C ASN A 210 -21.00 18.22 35.39
N ARG A 211 -19.96 18.29 36.21
CA ARG A 211 -19.62 19.55 36.87
C ARG A 211 -18.24 20.11 36.47
N GLN A 212 -17.54 19.47 35.53
CA GLN A 212 -16.24 20.03 35.23
C GLN A 212 -16.04 20.45 33.79
N LEU A 213 -16.99 20.07 32.93
CA LEU A 213 -16.97 20.40 31.52
C LEU A 213 -16.86 21.91 31.22
N GLN A 214 -15.89 22.27 30.39
CA GLN A 214 -15.61 23.69 30.13
C GLN A 214 -15.95 24.09 28.72
N GLU A 215 -15.77 23.15 27.78
CA GLU A 215 -15.99 23.45 26.39
C GLU A 215 -16.74 22.35 25.69
N LEU A 216 -17.81 22.67 24.99
CA LEU A 216 -18.57 21.63 24.31
C LEU A 216 -18.76 22.11 22.88
N ASN A 217 -18.35 21.29 21.91
CA ASN A 217 -18.59 21.63 20.55
C ASN A 217 -19.76 20.79 19.98
N VAL A 218 -20.90 21.40 19.70
CA VAL A 218 -21.95 20.65 19.05
C VAL A 218 -22.33 21.22 17.70
N ALA A 219 -21.39 21.87 17.03
CA ALA A 219 -21.61 22.41 15.73
C ALA A 219 -22.05 21.35 14.71
N TYR A 220 -22.69 21.79 13.63
CA TYR A 220 -22.84 20.98 12.44
C TYR A 220 -23.52 19.70 12.81
N ASN A 221 -24.60 19.79 13.55
CA ASN A 221 -25.31 18.59 13.93
C ASN A 221 -26.78 18.53 13.45
N GLY A 222 -27.13 19.30 12.45
CA GLY A 222 -28.51 19.21 11.92
C GLY A 222 -29.63 19.73 12.82
N ALA A 223 -29.32 20.44 13.90
CA ALA A 223 -30.33 20.84 14.87
C ALA A 223 -31.00 22.22 14.61
N GLY A 224 -32.23 22.37 15.09
CA GLY A 224 -33.07 23.53 14.84
C GLY A 224 -32.99 24.52 15.98
N ASP A 225 -33.84 25.55 15.92
CA ASP A 225 -33.77 26.69 16.82
C ASP A 225 -34.01 26.30 18.28
N THR A 226 -35.08 25.52 18.56
CA THR A 226 -35.41 25.26 19.98
C THR A 226 -34.43 24.35 20.67
N ALA A 227 -34.09 23.22 20.04
CA ALA A 227 -33.02 22.42 20.61
C ALA A 227 -31.78 23.28 20.90
N ALA A 228 -31.32 24.05 19.91
CA ALA A 228 -30.15 24.86 20.13
C ALA A 228 -30.36 25.80 21.29
N LEU A 229 -31.56 26.36 21.39
CA LEU A 229 -31.85 27.30 22.50
C LEU A 229 -31.90 26.59 23.84
N ALA A 230 -32.51 25.41 23.91
CA ALA A 230 -32.54 24.67 25.18
C ALA A 230 -31.11 24.39 25.66
N LEU A 231 -30.23 24.02 24.72
CA LEU A 231 -28.87 23.74 25.07
C LEU A 231 -28.13 25.00 25.49
N ALA A 232 -28.30 26.08 24.73
CA ALA A 232 -27.65 27.32 25.09
C ALA A 232 -28.10 27.76 26.50
N ARG A 233 -29.38 27.58 26.80
CA ARG A 233 -29.91 27.85 28.13
C ARG A 233 -29.21 27.01 29.23
N ALA A 234 -29.12 25.69 28.98
CA ALA A 234 -28.58 24.81 29.97
C ALA A 234 -27.13 25.24 30.22
N ALA A 235 -26.44 25.62 29.15
CA ALA A 235 -25.05 26.03 29.24
C ALA A 235 -24.88 27.20 30.18
N ARG A 236 -25.72 28.21 30.04
CA ARG A 236 -25.54 29.43 30.80
C ARG A 236 -25.83 29.16 32.28
N GLU A 237 -26.67 28.16 32.57
CA GLU A 237 -26.97 27.79 33.96
C GLU A 237 -25.94 26.76 34.47
N HIS A 238 -25.08 26.24 33.59
CA HIS A 238 -24.12 25.24 33.98
C HIS A 238 -23.02 25.84 34.86
N PRO A 239 -22.68 25.14 35.97
CA PRO A 239 -21.67 25.57 36.92
C PRO A 239 -20.25 25.77 36.32
N SER A 240 -19.87 25.03 35.27
CA SER A 240 -18.49 25.12 34.77
C SER A 240 -18.38 25.54 33.31
N LEU A 241 -19.43 25.30 32.53
CA LEU A 241 -19.30 25.35 31.06
C LEU A 241 -19.02 26.75 30.54
N GLU A 242 -17.81 26.95 30.01
CA GLU A 242 -17.36 28.29 29.59
C GLU A 242 -17.65 28.60 28.12
N LEU A 243 -17.71 27.57 27.29
CA LEU A 243 -17.85 27.81 25.84
C LEU A 243 -18.65 26.76 25.12
N LEU A 244 -19.68 27.16 24.39
CA LEU A 244 -20.49 26.20 23.59
C LEU A 244 -20.54 26.61 22.11
N HIS A 245 -20.19 25.68 21.23
CA HIS A 245 -20.21 25.92 19.79
C HIS A 245 -21.50 25.46 19.13
N LEU A 246 -22.21 26.35 18.44
CA LEU A 246 -23.44 25.95 17.79
C LEU A 246 -23.54 26.28 16.30
N TYR A 247 -22.45 26.74 15.70
CA TYR A 247 -22.46 27.09 14.29
C TYR A 247 -22.73 25.89 13.38
N PHE A 248 -23.10 26.16 12.13
CA PHE A 248 -23.35 25.15 11.10
C PHE A 248 -24.48 24.18 11.44
N ASN A 249 -25.34 24.56 12.36
CA ASN A 249 -26.59 23.86 12.56
C ASN A 249 -27.69 24.47 11.67
N GLU A 250 -28.92 24.00 11.79
CA GLU A 250 -29.97 24.43 10.91
C GLU A 250 -30.75 25.56 11.54
N LEU A 251 -30.03 26.55 12.08
CA LEU A 251 -30.65 27.74 12.72
C LEU A 251 -31.20 28.71 11.72
N SER A 252 -32.35 29.28 12.03
CA SER A 252 -32.89 30.40 11.30
C SER A 252 -32.22 31.66 11.78
N SER A 253 -32.29 32.68 10.95
CA SER A 253 -31.60 33.93 11.23
C SER A 253 -32.13 34.53 12.54
N GLU A 254 -33.41 34.37 12.80
CA GLU A 254 -33.96 34.85 14.08
C GLU A 254 -33.50 33.99 15.26
N GLY A 255 -33.38 32.70 15.00
CA GLY A 255 -32.79 31.77 15.95
C GLY A 255 -31.41 32.17 16.45
N ARG A 256 -30.55 32.51 15.51
CA ARG A 256 -29.24 33.01 15.81
C ARG A 256 -29.19 34.27 16.63
N GLN A 257 -30.02 35.29 16.31
CA GLN A 257 -30.01 36.50 17.12
C GLN A 257 -30.38 36.13 18.53
N VAL A 258 -31.40 35.29 18.70
CA VAL A 258 -31.79 34.97 20.05
C VAL A 258 -30.59 34.44 20.81
N LEU A 259 -29.92 33.47 20.23
CA LEU A 259 -28.69 32.92 20.83
C LEU A 259 -27.65 33.97 21.12
N ARG A 260 -27.41 34.83 20.15
CA ARG A 260 -26.46 35.91 20.25
C ARG A 260 -26.80 36.83 21.40
N ASP A 261 -28.08 37.13 21.58
CA ASP A 261 -28.51 38.13 22.57
C ASP A 261 -28.46 37.56 24.00
N LEU A 262 -28.27 36.25 24.09
CA LEU A 262 -28.41 35.55 25.36
C LEU A 262 -27.14 35.63 26.22
N GLY A 269 -21.01 34.26 32.54
CA GLY A 269 -20.84 34.30 31.08
C GLY A 269 -20.31 33.01 30.50
N ALA A 270 -21.21 32.13 30.06
CA ALA A 270 -20.84 31.07 29.10
C ALA A 270 -20.94 31.67 27.70
N ARG A 271 -19.96 31.51 26.85
CA ARG A 271 -20.00 32.21 25.58
C ARG A 271 -20.53 31.23 24.57
N VAL A 272 -21.37 31.71 23.66
CA VAL A 272 -22.00 30.81 22.71
C VAL A 272 -21.52 31.26 21.35
N VAL A 273 -20.96 30.35 20.57
CA VAL A 273 -20.50 30.69 19.25
C VAL A 273 -21.48 30.17 18.21
N VAL A 274 -22.07 31.08 17.43
CA VAL A 274 -23.19 30.76 16.55
C VAL A 274 -22.79 30.88 15.09
N SER A 275 -21.67 31.54 14.86
CA SER A 275 -21.18 31.81 13.54
C SER A 275 -19.71 31.54 13.50
N LEU A 276 -19.25 30.88 12.46
CA LEU A 276 -17.81 30.76 12.25
C LEU A 276 -17.12 32.03 11.86
N THR A 277 -17.85 33.01 11.35
CA THR A 277 -17.22 34.12 10.65
C THR A 277 -17.30 35.47 11.38
N VAL A 282 -12.15 31.53 15.79
CA VAL A 282 -10.89 31.59 15.06
C VAL A 282 -10.22 30.21 15.05
N SER A 283 -9.93 29.69 16.24
CA SER A 283 -9.46 28.30 16.38
C SER A 283 -10.40 27.24 15.76
N GLU A 284 -11.70 27.54 15.72
CA GLU A 284 -12.70 26.63 15.15
C GLU A 284 -12.91 26.83 13.66
N TYR A 285 -12.75 28.07 13.22
CA TYR A 285 -12.58 28.42 11.82
C TYR A 285 -11.70 27.39 11.14
N TRP A 286 -10.45 27.36 11.57
CA TRP A 286 -9.48 26.51 10.97
C TRP A 286 -9.69 25.06 11.28
N SER A 287 -10.19 24.77 12.46
CA SER A 287 -10.49 23.41 12.80
C SER A 287 -11.27 22.77 11.63
N VAL A 288 -12.32 23.40 11.17
CA VAL A 288 -13.12 22.78 10.14
C VAL A 288 -12.39 22.70 8.81
N ILE A 289 -11.66 23.76 8.47
CA ILE A 289 -10.72 23.76 7.35
C ILE A 289 -9.82 22.52 7.42
N LEU A 290 -9.08 22.38 8.50
CA LEU A 290 -8.13 21.30 8.64
C LEU A 290 -8.78 19.91 8.68
N SER A 291 -9.82 19.79 9.49
CA SER A 291 -10.71 18.65 9.47
C SER A 291 -10.97 18.20 8.03
N GLU A 292 -11.02 19.17 7.13
CA GLU A 292 -11.29 18.85 5.72
C GLU A 292 -10.08 18.25 4.99
N VAL A 293 -8.96 18.94 5.08
CA VAL A 293 -7.65 18.40 4.66
C VAL A 293 -7.40 16.99 5.26
N GLN A 294 -7.78 16.81 6.54
CA GLN A 294 -7.64 15.54 7.24
C GLN A 294 -8.32 14.36 6.52
N ARG A 295 -9.49 14.62 5.94
CA ARG A 295 -10.19 13.59 5.17
C ARG A 295 -9.34 13.12 3.97
N ASN A 296 -8.73 14.09 3.30
CA ASN A 296 -8.23 13.91 1.93
C ASN A 296 -6.71 13.85 1.75
N LEU A 297 -5.99 13.65 2.85
CA LEU A 297 -4.51 13.72 2.89
C LEU A 297 -3.66 12.98 1.85
N ASN A 298 -3.74 11.65 1.85
CA ASN A 298 -2.98 10.84 0.92
C ASN A 298 -3.73 10.84 -0.39
N SER A 299 -4.98 11.31 -0.32
CA SER A 299 -5.93 11.23 -1.44
C SER A 299 -5.69 12.34 -2.47
N TRP A 300 -4.69 13.19 -2.21
CA TRP A 300 -4.36 14.25 -3.16
C TRP A 300 -3.07 14.99 -2.82
N ASP A 301 -2.58 15.76 -3.80
CA ASP A 301 -1.17 16.10 -3.98
C ASP A 301 -0.39 16.49 -2.75
N ARG A 302 0.53 15.61 -2.38
CA ARG A 302 1.22 15.64 -1.10
C ARG A 302 2.13 16.85 -0.95
N ALA A 303 3.06 17.01 -1.89
CA ALA A 303 4.07 18.05 -1.82
C ALA A 303 3.43 19.44 -1.76
N ARG A 304 2.39 19.64 -2.57
CA ARG A 304 1.65 20.88 -2.58
C ARG A 304 1.02 21.17 -1.20
N VAL A 305 0.43 20.15 -0.59
CA VAL A 305 -0.19 20.32 0.71
C VAL A 305 0.85 20.56 1.84
N GLN A 306 1.94 19.80 1.78
CA GLN A 306 3.07 20.00 2.65
C GLN A 306 3.50 21.50 2.67
N ARG A 307 3.67 22.11 1.49
CA ARG A 307 4.10 23.49 1.40
C ARG A 307 3.03 24.44 1.93
N HIS A 308 1.77 24.31 1.49
CA HIS A 308 0.65 25.10 2.08
C HIS A 308 0.68 25.06 3.62
N LEU A 309 0.81 23.86 4.19
CA LEU A 309 0.80 23.75 5.62
C LEU A 309 2.03 24.45 6.31
N GLU A 310 3.23 24.14 5.84
CA GLU A 310 4.44 24.87 6.26
C GLU A 310 4.32 26.38 6.22
N LEU A 311 3.74 26.93 5.17
CA LEU A 311 3.52 28.37 5.09
C LEU A 311 2.46 28.80 6.08
N LEU A 312 1.38 28.01 6.22
CA LEU A 312 0.33 28.35 7.17
C LEU A 312 0.87 28.34 8.62
N LEU A 313 1.54 27.26 8.99
CA LEU A 313 2.23 27.12 10.25
C LEU A 313 3.01 28.39 10.56
N ARG A 314 3.84 28.75 9.61
CA ARG A 314 4.67 29.92 9.72
C ARG A 314 3.84 31.20 9.90
N ASP A 315 2.81 31.43 9.09
CA ASP A 315 1.84 32.57 9.24
C ASP A 315 1.27 32.60 10.67
N LEU A 316 0.99 31.44 11.25
CA LEU A 316 0.38 31.40 12.60
C LEU A 316 1.37 31.75 13.74
N GLU A 317 2.57 31.17 13.70
CA GLU A 317 3.67 31.52 14.60
C GLU A 317 3.74 33.02 14.68
N ASP A 318 3.93 33.64 13.52
CA ASP A 318 4.15 35.06 13.48
C ASP A 318 2.93 35.77 14.01
N SER A 319 1.74 35.39 13.60
CA SER A 319 0.55 35.98 14.21
C SER A 319 0.54 35.87 15.72
N ARG A 320 0.99 34.74 16.27
CA ARG A 320 0.99 34.58 17.73
C ARG A 320 1.98 35.46 18.47
N GLY A 321 3.13 35.70 17.83
CA GLY A 321 4.18 36.52 18.37
C GLY A 321 3.81 37.99 18.36
N ALA A 322 2.82 38.33 17.55
CA ALA A 322 2.50 39.74 17.27
C ALA A 322 1.27 40.15 18.04
N THR A 323 0.75 39.23 18.86
CA THR A 323 -0.32 39.56 19.79
C THR A 323 0.11 39.37 21.24
N LEU A 324 -0.39 40.25 22.11
CA LEU A 324 -0.14 40.19 23.55
C LEU A 324 -1.27 39.47 24.25
N ASN A 325 -2.48 39.56 23.65
CA ASN A 325 -3.68 38.90 24.18
C ASN A 325 -3.49 37.41 24.49
N PRO A 326 -3.62 37.04 25.78
CA PRO A 326 -3.37 35.64 26.17
C PRO A 326 -4.37 34.67 25.53
N TRP A 327 -5.60 35.15 25.35
CA TRP A 327 -6.65 34.42 24.65
C TRP A 327 -6.30 34.17 23.17
N ARG A 328 -6.08 35.23 22.38
CA ARG A 328 -5.69 35.09 20.96
C ARG A 328 -4.58 34.10 20.76
N LYS A 329 -3.50 34.28 21.52
CA LYS A 329 -2.34 33.39 21.48
C LYS A 329 -2.73 31.94 21.60
N ALA A 330 -3.57 31.69 22.62
CA ALA A 330 -3.97 30.33 22.95
C ALA A 330 -4.79 29.79 21.82
N GLN A 331 -5.66 30.62 21.24
CA GLN A 331 -6.44 30.15 20.12
C GLN A 331 -5.47 29.74 19.04
N LEU A 332 -4.42 30.53 18.83
CA LEU A 332 -3.58 30.28 17.70
C LEU A 332 -2.70 29.08 17.95
N LEU A 333 -2.28 28.92 19.21
CA LEU A 333 -1.45 27.77 19.59
C LEU A 333 -2.22 26.47 19.26
N ARG A 334 -3.53 26.45 19.53
CA ARG A 334 -4.36 25.32 19.15
C ARG A 334 -4.22 24.96 17.67
N VAL A 335 -4.20 25.96 16.81
CA VAL A 335 -4.29 25.68 15.41
C VAL A 335 -2.95 25.16 14.93
N GLU A 336 -1.88 25.62 15.55
CA GLU A 336 -0.57 25.22 15.11
C GLU A 336 -0.41 23.72 15.39
N GLY A 337 -0.88 23.30 16.56
CA GLY A 337 -0.86 21.90 16.93
C GLY A 337 -1.59 21.08 15.87
N GLU A 338 -2.72 21.57 15.41
CA GLU A 338 -3.43 20.86 14.39
C GLU A 338 -2.68 20.85 13.04
N VAL A 339 -2.03 21.95 12.70
CA VAL A 339 -1.26 21.98 11.46
C VAL A 339 -0.11 20.98 11.57
N ARG A 340 0.51 20.96 12.76
CA ARG A 340 1.64 20.10 13.03
C ARG A 340 1.23 18.64 13.04
N ALA A 341 0.00 18.39 13.42
CA ALA A 341 -0.55 17.03 13.46
C ALA A 341 -0.70 16.50 12.04
N LEU A 342 -1.08 17.38 11.13
CA LEU A 342 -1.15 17.05 9.70
C LEU A 342 0.25 16.95 9.03
N LEU A 343 1.12 17.93 9.25
CA LEU A 343 2.49 17.82 8.78
C LEU A 343 3.17 16.46 9.12
N GLU A 344 3.09 16.09 10.39
CA GLU A 344 3.66 14.87 10.88
C GLU A 344 3.08 13.72 10.08
N GLN A 345 1.77 13.74 9.96
CA GLN A 345 1.03 12.66 9.33
C GLN A 345 1.40 12.46 7.85
N LEU A 346 1.90 13.53 7.22
CA LEU A 346 2.47 13.47 5.86
C LEU A 346 3.91 12.96 5.91
N ARG B 43 8.86 12.20 22.99
CA ARG B 43 8.53 13.04 21.79
C ARG B 43 8.81 12.24 20.52
N GLN B 44 7.73 12.15 19.72
CA GLN B 44 7.65 11.26 18.57
C GLN B 44 8.40 11.85 17.34
N VAL B 45 9.21 11.02 16.68
CA VAL B 45 9.96 11.43 15.48
C VAL B 45 9.41 10.73 14.21
N LEU B 46 8.57 9.55 14.53
CA LEU B 46 8.21 8.76 13.34
C LEU B 46 6.75 9.05 12.89
N PRO B 47 6.55 9.30 11.60
CA PRO B 47 5.17 9.48 11.13
C PRO B 47 4.35 8.27 11.46
N PRO B 48 3.02 8.40 11.45
CA PRO B 48 2.08 7.36 11.89
C PRO B 48 2.38 5.97 11.38
N SER B 49 2.40 5.76 10.06
CA SER B 49 2.60 4.40 9.56
C SER B 49 4.02 3.88 9.84
N GLU B 50 5.00 4.77 9.84
CA GLU B 50 6.34 4.35 10.12
C GLU B 50 6.45 4.02 11.60
N LEU B 51 5.76 4.78 12.46
CA LEU B 51 5.72 4.43 13.88
C LEU B 51 5.07 3.09 14.18
N LEU B 52 4.00 2.75 13.45
CA LEU B 52 3.33 1.52 13.66
C LEU B 52 4.21 0.35 13.20
N ASP B 53 4.92 0.54 12.11
CA ASP B 53 5.83 -0.47 11.63
C ASP B 53 6.83 -0.83 12.71
N HIS B 54 7.41 0.21 13.30
CA HIS B 54 8.33 0.12 14.42
C HIS B 54 7.78 -0.61 15.64
N LEU B 55 6.57 -0.29 16.05
CA LEU B 55 5.95 -1.05 17.16
C LEU B 55 5.70 -2.52 16.80
N PHE B 56 5.29 -2.78 15.56
CA PHE B 56 5.16 -4.14 15.08
C PHE B 56 6.49 -4.90 15.23
N PHE B 57 7.57 -4.26 14.82
CA PHE B 57 8.81 -4.96 14.84
C PHE B 57 9.12 -5.36 16.29
N HIS B 58 8.89 -4.45 17.24
CA HIS B 58 9.18 -4.74 18.62
C HIS B 58 8.29 -5.82 19.18
N TYR B 59 7.05 -5.84 18.78
CA TYR B 59 6.14 -6.85 19.32
C TYR B 59 6.57 -8.19 18.79
N GLU B 60 6.90 -8.18 17.51
CA GLU B 60 7.24 -9.35 16.79
C GLU B 60 8.59 -9.87 17.32
N PHE B 61 9.54 -8.98 17.60
CA PHE B 61 10.82 -9.34 18.22
C PHE B 61 10.67 -10.00 19.59
N GLN B 62 9.81 -9.43 20.45
CA GLN B 62 9.61 -9.94 21.81
C GLN B 62 8.91 -11.27 21.84
N ASN B 63 8.08 -11.55 20.84
CA ASN B 63 7.24 -12.74 20.83
C ASN B 63 7.77 -13.82 19.90
N GLN B 64 9.01 -13.63 19.46
CA GLN B 64 9.54 -14.45 18.40
C GLN B 64 9.48 -15.94 18.71
N ARG B 65 9.96 -16.34 19.89
CA ARG B 65 9.97 -17.74 20.29
C ARG B 65 8.58 -18.37 20.39
N PHE B 66 7.67 -17.64 21.02
CA PHE B 66 6.29 -18.06 21.18
C PHE B 66 5.56 -18.25 19.84
N SER B 67 5.78 -17.32 18.90
CA SER B 67 4.95 -17.32 17.69
C SER B 67 5.52 -18.25 16.67
N ALA B 68 6.82 -18.49 16.78
CA ALA B 68 7.52 -19.54 16.02
C ALA B 68 6.89 -20.91 16.28
N GLU B 69 6.63 -21.23 17.54
CA GLU B 69 5.91 -22.45 17.87
C GLU B 69 4.49 -22.50 17.30
N VAL B 70 3.73 -21.41 17.43
CA VAL B 70 2.39 -21.28 16.85
C VAL B 70 2.35 -21.60 15.36
N LEU B 71 3.25 -20.99 14.59
CA LEU B 71 3.41 -21.28 13.15
C LEU B 71 3.59 -22.73 12.76
N SER B 72 4.51 -23.43 13.42
CA SER B 72 4.73 -24.85 13.14
C SER B 72 3.44 -25.69 13.34
N SER B 73 2.50 -25.13 14.11
CA SER B 73 1.24 -25.87 14.36
C SER B 73 0.03 -25.33 13.65
N LEU B 74 0.26 -24.54 12.60
CA LEU B 74 -0.84 -24.07 11.78
C LEU B 74 -1.49 -25.19 11.01
N ARG B 75 -2.79 -25.07 10.82
CA ARG B 75 -3.60 -26.06 10.12
C ARG B 75 -4.34 -25.49 8.90
N GLN B 76 -4.23 -24.18 8.68
CA GLN B 76 -5.04 -23.44 7.69
C GLN B 76 -4.21 -22.35 7.08
N LEU B 77 -4.32 -22.11 5.80
CA LEU B 77 -3.50 -21.05 5.27
C LEU B 77 -4.25 -20.29 4.21
N ASN B 78 -4.63 -19.07 4.55
CA ASN B 78 -5.38 -18.26 3.64
C ASN B 78 -4.54 -17.05 3.21
N LEU B 79 -4.14 -17.03 1.95
CA LEU B 79 -3.47 -15.85 1.40
C LEU B 79 -4.22 -15.26 0.21
N ALA B 80 -5.53 -15.49 0.17
CA ALA B 80 -6.35 -15.04 -0.93
C ALA B 80 -6.28 -13.53 -1.06
N GLY B 81 -6.09 -13.08 -2.29
CA GLY B 81 -6.01 -11.66 -2.59
C GLY B 81 -4.66 -10.95 -2.42
N VAL B 82 -3.62 -11.63 -1.98
CA VAL B 82 -2.32 -10.97 -1.99
C VAL B 82 -1.45 -11.33 -3.19
N ARG B 83 -0.84 -10.33 -3.80
CA ARG B 83 -0.02 -10.57 -4.98
C ARG B 83 1.20 -11.40 -4.62
N MET B 84 1.13 -12.68 -4.92
CA MET B 84 2.22 -13.59 -4.60
C MET B 84 3.37 -13.49 -5.60
N THR B 85 4.28 -12.58 -5.34
CA THR B 85 5.48 -12.45 -6.16
C THR B 85 6.47 -13.59 -5.91
N PRO B 86 7.56 -13.68 -6.70
CA PRO B 86 8.58 -14.72 -6.46
C PRO B 86 9.09 -14.79 -5.01
N VAL B 87 9.28 -13.61 -4.41
CA VAL B 87 9.87 -13.44 -3.10
C VAL B 87 8.92 -13.86 -1.99
N LYS B 88 7.67 -13.45 -2.11
CA LYS B 88 6.67 -13.88 -1.17
C LYS B 88 6.52 -15.40 -1.28
N CYS B 89 6.57 -15.91 -2.51
CA CYS B 89 6.43 -17.33 -2.72
C CYS B 89 7.54 -18.03 -1.98
N THR B 90 8.77 -17.58 -2.21
CA THR B 90 9.92 -18.11 -1.53
C THR B 90 9.74 -18.09 -0.01
N VAL B 91 9.31 -16.98 0.56
CA VAL B 91 9.19 -16.89 2.01
C VAL B 91 8.20 -17.91 2.56
N VAL B 92 7.08 -18.10 1.86
CA VAL B 92 5.99 -18.93 2.37
C VAL B 92 6.45 -20.38 2.34
N ALA B 93 7.14 -20.76 1.29
CA ALA B 93 7.72 -22.09 1.23
C ALA B 93 8.78 -22.23 2.33
N ALA B 94 9.62 -21.26 2.56
CA ALA B 94 10.61 -21.42 3.60
C ALA B 94 9.93 -21.57 4.96
N VAL B 95 9.06 -20.65 5.34
CA VAL B 95 8.54 -20.70 6.69
C VAL B 95 7.55 -21.83 6.91
N LEU B 96 6.86 -22.27 5.86
CA LEU B 96 5.72 -23.18 6.05
C LEU B 96 5.84 -24.41 5.20
N GLY B 97 7.01 -24.61 4.58
CA GLY B 97 7.26 -25.82 3.82
C GLY B 97 7.14 -27.10 4.64
N SER B 98 7.31 -26.99 5.95
CA SER B 98 7.12 -28.13 6.81
C SER B 98 6.39 -27.73 8.07
N GLY B 99 5.67 -28.66 8.66
CA GLY B 99 5.07 -28.48 9.96
C GLY B 99 4.41 -29.75 10.46
N ARG B 100 3.96 -29.69 11.70
CA ARG B 100 3.34 -30.83 12.41
C ARG B 100 2.13 -31.40 11.69
N HIS B 101 1.22 -30.54 11.28
CA HIS B 101 -0.06 -31.03 10.87
C HIS B 101 -0.17 -30.86 9.40
N ALA B 102 -1.16 -31.50 8.83
CA ALA B 102 -1.53 -31.25 7.47
C ALA B 102 -2.20 -29.88 7.47
N LEU B 103 -2.29 -29.26 6.31
CA LEU B 103 -2.99 -28.01 6.24
C LEU B 103 -4.35 -28.37 5.74
N ASP B 104 -5.32 -28.23 6.61
CA ASP B 104 -6.65 -28.66 6.29
C ASP B 104 -7.12 -27.89 5.06
N GLU B 105 -6.73 -26.62 4.98
CA GLU B 105 -7.04 -25.84 3.79
C GLU B 105 -5.96 -24.85 3.39
N VAL B 106 -5.71 -24.77 2.09
CA VAL B 106 -4.76 -23.80 1.55
C VAL B 106 -5.47 -23.01 0.49
N ASN B 107 -5.78 -21.75 0.80
CA ASN B 107 -6.45 -20.82 -0.11
C ASN B 107 -5.54 -19.71 -0.70
N LEU B 108 -5.37 -19.76 -2.01
CA LEU B 108 -4.58 -18.77 -2.72
C LEU B 108 -5.36 -18.17 -3.90
N ALA B 109 -6.66 -18.03 -3.72
CA ALA B 109 -7.53 -17.43 -4.73
C ALA B 109 -7.05 -16.03 -4.99
N SER B 110 -6.97 -15.68 -6.27
CA SER B 110 -6.81 -14.30 -6.63
C SER B 110 -5.44 -13.82 -6.19
N CYS B 111 -4.42 -14.63 -6.44
CA CYS B 111 -3.06 -14.28 -5.95
C CYS B 111 -2.06 -13.90 -7.02
N GLN B 112 -2.50 -13.85 -8.27
CA GLN B 112 -1.65 -13.55 -9.42
C GLN B 112 -0.45 -14.48 -9.46
N LEU B 113 -0.73 -15.76 -9.24
CA LEU B 113 0.28 -16.78 -9.17
C LEU B 113 0.72 -17.21 -10.57
N ASP B 114 2.02 -17.37 -10.78
CA ASP B 114 2.53 -17.91 -12.04
C ASP B 114 3.03 -19.35 -11.86
N PRO B 115 3.34 -20.07 -12.95
CA PRO B 115 4.02 -21.35 -12.91
C PRO B 115 5.21 -21.44 -11.96
N ALA B 116 6.13 -20.48 -12.03
CA ALA B 116 7.30 -20.48 -11.15
C ALA B 116 6.94 -20.44 -9.67
N GLY B 117 6.00 -19.56 -9.30
CA GLY B 117 5.49 -19.46 -7.94
C GLY B 117 4.91 -20.80 -7.49
N LEU B 118 4.14 -21.42 -8.37
CA LEU B 118 3.63 -22.76 -8.13
C LEU B 118 4.71 -23.76 -7.74
N ARG B 119 5.78 -23.83 -8.54
CA ARG B 119 6.87 -24.74 -8.25
C ARG B 119 7.51 -24.41 -6.91
N THR B 120 7.65 -23.14 -6.62
CA THR B 120 8.22 -22.77 -5.35
C THR B 120 7.27 -23.23 -4.26
N LEU B 121 5.97 -23.15 -4.47
CA LEU B 121 5.04 -23.43 -3.38
C LEU B 121 4.68 -24.91 -3.23
N LEU B 122 5.30 -25.74 -4.07
CA LEU B 122 5.06 -27.18 -4.05
C LEU B 122 5.15 -27.81 -2.63
N PRO B 123 6.21 -27.51 -1.87
CA PRO B 123 6.21 -28.13 -0.54
C PRO B 123 4.99 -27.76 0.32
N VAL B 124 4.48 -26.54 0.18
CA VAL B 124 3.32 -26.11 0.95
C VAL B 124 2.07 -26.83 0.42
N PHE B 125 1.95 -26.95 -0.89
CA PHE B 125 0.84 -27.67 -1.48
C PHE B 125 0.82 -29.16 -1.10
N LEU B 126 2.01 -29.77 -0.98
CA LEU B 126 2.06 -31.18 -0.55
C LEU B 126 1.46 -31.37 0.85
N ARG B 127 1.49 -30.33 1.68
CA ARG B 127 0.87 -30.35 2.99
C ARG B 127 -0.67 -30.21 2.96
N ALA B 128 -1.22 -29.81 1.83
CA ALA B 128 -2.62 -29.39 1.78
C ALA B 128 -3.63 -30.52 1.55
N ARG B 129 -4.77 -30.45 2.24
CA ARG B 129 -5.89 -31.35 1.96
CA ARG B 129 -5.85 -31.36 1.93
C ARG B 129 -6.85 -30.73 0.95
N LYS B 130 -7.14 -29.45 1.14
CA LYS B 130 -7.93 -28.66 0.22
C LYS B 130 -7.06 -27.56 -0.31
N LEU B 131 -7.00 -27.46 -1.63
CA LEU B 131 -6.21 -26.44 -2.28
C LEU B 131 -7.06 -25.57 -3.20
N GLY B 132 -7.20 -24.30 -2.87
CA GLY B 132 -7.86 -23.36 -3.75
C GLY B 132 -6.91 -22.49 -4.54
N LEU B 133 -7.01 -22.55 -5.87
CA LEU B 133 -6.13 -21.79 -6.74
C LEU B 133 -6.94 -21.00 -7.77
N GLN B 134 -8.15 -20.62 -7.41
CA GLN B 134 -8.98 -19.92 -8.36
C GLN B 134 -8.45 -18.53 -8.72
N LEU B 135 -8.88 -18.03 -9.87
CA LEU B 135 -8.61 -16.65 -10.28
C LEU B 135 -7.14 -16.31 -10.24
N ASN B 136 -6.29 -17.17 -10.79
CA ASN B 136 -4.86 -16.94 -10.76
C ASN B 136 -4.22 -16.87 -12.12
N SER B 137 -5.05 -16.92 -13.15
CA SER B 137 -4.54 -16.72 -14.50
C SER B 137 -3.66 -17.88 -14.97
N LEU B 138 -3.70 -19.02 -14.28
CA LEU B 138 -2.94 -20.20 -14.70
C LEU B 138 -3.35 -20.65 -16.11
N GLY B 139 -2.36 -20.96 -16.94
CA GLY B 139 -2.61 -21.53 -18.26
C GLY B 139 -2.00 -22.91 -18.42
N PRO B 140 -1.83 -23.37 -19.66
CA PRO B 140 -1.26 -24.70 -19.89
C PRO B 140 0.12 -24.87 -19.26
N GLU B 141 0.90 -23.79 -19.20
CA GLU B 141 2.25 -23.81 -18.65
C GLU B 141 2.24 -24.36 -17.24
N ALA B 142 1.30 -23.87 -16.43
CA ALA B 142 1.18 -24.24 -15.02
C ALA B 142 0.67 -25.65 -14.80
N CYS B 143 -0.03 -26.20 -15.79
CA CYS B 143 -0.61 -27.54 -15.66
C CYS B 143 0.41 -28.66 -15.51
N LYS B 144 1.61 -28.48 -16.09
CA LYS B 144 2.70 -29.43 -15.89
C LYS B 144 3.10 -29.51 -14.43
N ASP B 145 3.09 -28.37 -13.75
CA ASP B 145 3.44 -28.34 -12.34
C ASP B 145 2.33 -28.98 -11.46
N LEU B 146 1.07 -28.75 -11.81
CA LEU B 146 -0.05 -29.38 -11.10
C LEU B 146 -0.01 -30.88 -11.33
N ARG B 147 0.23 -31.25 -12.59
CA ARG B 147 0.38 -32.64 -12.94
C ARG B 147 1.35 -33.32 -11.99
N ASP B 148 2.50 -32.72 -11.77
CA ASP B 148 3.55 -33.33 -10.95
C ASP B 148 3.15 -33.36 -9.48
N LEU B 149 2.49 -32.29 -9.06
CA LEU B 149 1.89 -32.23 -7.72
C LEU B 149 0.93 -33.42 -7.51
N LEU B 150 0.08 -33.71 -8.49
CA LEU B 150 -0.86 -34.84 -8.36
C LEU B 150 -0.20 -36.24 -8.44
N LEU B 151 0.92 -36.33 -9.13
CA LEU B 151 1.63 -37.58 -9.24
C LEU B 151 2.53 -37.86 -8.05
N HIS B 152 2.75 -36.84 -7.24
CA HIS B 152 3.73 -36.91 -6.17
C HIS B 152 3.26 -37.89 -5.08
N ASP B 153 4.16 -38.80 -4.69
CA ASP B 153 3.86 -39.80 -3.66
C ASP B 153 3.25 -39.26 -2.37
N GLN B 154 3.64 -38.05 -2.00
CA GLN B 154 3.17 -37.43 -0.77
C GLN B 154 1.83 -36.65 -0.92
N CYS B 155 1.29 -36.64 -2.13
CA CYS B 155 0.04 -35.94 -2.38
C CYS B 155 -1.11 -36.44 -1.50
N GLN B 156 -1.72 -35.51 -0.76
CA GLN B 156 -2.85 -35.83 0.12
CA GLN B 156 -2.85 -35.83 0.13
C GLN B 156 -3.99 -34.84 -0.12
N ILE B 157 -4.00 -34.23 -1.32
CA ILE B 157 -5.04 -33.29 -1.67
C ILE B 157 -6.33 -34.02 -1.98
N THR B 158 -7.40 -33.66 -1.27
CA THR B 158 -8.73 -34.25 -1.57
C THR B 158 -9.57 -33.36 -2.45
N THR B 159 -9.50 -32.05 -2.21
CA THR B 159 -10.26 -31.07 -2.97
C THR B 159 -9.29 -30.14 -3.68
N LEU B 160 -9.41 -30.06 -5.00
CA LEU B 160 -8.60 -29.12 -5.77
C LEU B 160 -9.51 -28.18 -6.58
N ARG B 161 -9.44 -26.87 -6.34
CA ARG B 161 -10.26 -25.89 -7.06
C ARG B 161 -9.40 -25.04 -7.99
N LEU B 162 -9.60 -25.24 -9.28
CA LEU B 162 -8.80 -24.56 -10.28
C LEU B 162 -9.65 -23.64 -11.12
N SER B 163 -10.86 -23.35 -10.66
CA SER B 163 -11.76 -22.54 -11.47
C SER B 163 -11.25 -21.12 -11.76
N ASN B 164 -11.80 -20.54 -12.81
CA ASN B 164 -11.41 -19.22 -13.29
C ASN B 164 -9.90 -19.12 -13.45
N ASN B 165 -9.37 -20.09 -14.19
CA ASN B 165 -8.03 -20.03 -14.74
C ASN B 165 -8.14 -20.53 -16.15
N PRO B 166 -7.50 -19.83 -17.10
CA PRO B 166 -7.52 -20.26 -18.51
C PRO B 166 -6.64 -21.50 -18.76
N LEU B 167 -7.04 -22.63 -18.19
CA LEU B 167 -6.31 -23.88 -18.37
C LEU B 167 -6.23 -24.29 -19.83
N THR B 168 -7.38 -24.35 -20.50
CA THR B 168 -7.43 -24.78 -21.90
C THR B 168 -7.54 -26.29 -22.01
N ALA B 169 -7.98 -26.78 -23.17
CA ALA B 169 -8.01 -28.22 -23.45
C ALA B 169 -6.60 -28.80 -23.33
N ALA B 170 -5.64 -28.19 -24.01
CA ALA B 170 -4.23 -28.53 -23.82
C ALA B 170 -3.89 -28.61 -22.33
N GLY B 171 -4.38 -27.66 -21.54
CA GLY B 171 -4.06 -27.65 -20.11
C GLY B 171 -4.61 -28.84 -19.37
N VAL B 172 -5.87 -29.14 -19.66
CA VAL B 172 -6.55 -30.22 -19.00
C VAL B 172 -5.99 -31.58 -19.41
N ALA B 173 -5.62 -31.72 -20.68
CA ALA B 173 -5.01 -32.96 -21.11
C ALA B 173 -3.84 -33.27 -20.19
N VAL B 174 -2.98 -32.29 -19.99
CA VAL B 174 -1.80 -32.45 -19.14
C VAL B 174 -2.22 -32.74 -17.73
N LEU B 175 -3.25 -32.04 -17.26
CA LEU B 175 -3.74 -32.25 -15.92
C LEU B 175 -4.31 -33.67 -15.77
N MET B 176 -4.99 -34.12 -16.80
CA MET B 176 -5.63 -35.42 -16.78
C MET B 176 -4.62 -36.52 -16.48
N GLU B 177 -3.45 -36.45 -17.13
CA GLU B 177 -2.37 -37.41 -16.87
C GLU B 177 -1.99 -37.49 -15.38
N GLY B 178 -2.01 -36.34 -14.69
CA GLY B 178 -1.68 -36.31 -13.26
C GLY B 178 -2.79 -36.94 -12.46
N LEU B 179 -4.02 -36.61 -12.85
CA LEU B 179 -5.18 -37.23 -12.26
C LEU B 179 -5.19 -38.76 -12.47
N ALA B 180 -4.68 -39.22 -13.61
CA ALA B 180 -4.54 -40.66 -13.88
C ALA B 180 -3.69 -41.40 -12.84
N GLY B 181 -2.64 -40.77 -12.34
CA GLY B 181 -1.82 -41.43 -11.33
C GLY B 181 -1.98 -40.95 -9.89
N ASN B 182 -3.12 -40.32 -9.60
CA ASN B 182 -3.42 -39.77 -8.28
C ASN B 182 -4.45 -40.64 -7.59
N THR B 183 -4.38 -40.75 -6.26
CA THR B 183 -5.49 -41.45 -5.59
C THR B 183 -6.16 -40.63 -4.49
N SER B 184 -5.64 -39.43 -4.25
CA SER B 184 -6.14 -38.64 -3.13
C SER B 184 -7.36 -37.77 -3.49
N VAL B 185 -7.40 -37.25 -4.71
CA VAL B 185 -8.36 -36.25 -5.08
C VAL B 185 -9.78 -36.78 -5.31
N THR B 186 -10.72 -36.31 -4.49
CA THR B 186 -12.10 -36.70 -4.64
C THR B 186 -13.00 -35.61 -5.24
N HIS B 187 -12.60 -34.35 -5.08
CA HIS B 187 -13.38 -33.20 -5.58
C HIS B 187 -12.53 -32.23 -6.42
N LEU B 188 -12.90 -32.09 -7.69
CA LEU B 188 -12.11 -31.30 -8.61
C LEU B 188 -13.01 -30.30 -9.26
N SER B 189 -12.57 -29.05 -9.26
CA SER B 189 -13.35 -28.02 -9.91
C SER B 189 -12.65 -27.33 -11.11
N LEU B 190 -13.32 -27.37 -12.26
CA LEU B 190 -12.76 -26.80 -13.46
C LEU B 190 -13.74 -25.81 -14.06
N LEU B 191 -14.59 -25.23 -13.23
CA LEU B 191 -15.52 -24.20 -13.70
C LEU B 191 -14.78 -23.06 -14.43
N HIS B 192 -15.31 -22.68 -15.61
CA HIS B 192 -14.74 -21.59 -16.40
C HIS B 192 -13.22 -21.71 -16.48
N THR B 193 -12.76 -22.78 -17.13
CA THR B 193 -11.33 -22.87 -17.37
C THR B 193 -10.96 -22.99 -18.84
N GLY B 194 -11.85 -22.56 -19.72
CA GLY B 194 -11.58 -22.54 -21.17
C GLY B 194 -11.42 -23.90 -21.84
N LEU B 195 -12.12 -24.91 -21.32
CA LEU B 195 -12.05 -26.27 -21.85
C LEU B 195 -12.73 -26.44 -23.22
N GLY B 196 -13.96 -25.94 -23.33
CA GLY B 196 -14.75 -26.10 -24.56
C GLY B 196 -15.01 -27.54 -24.91
N ASP B 197 -15.53 -27.72 -26.11
CA ASP B 197 -15.73 -29.03 -26.69
C ASP B 197 -14.51 -29.93 -26.51
N GLU B 198 -13.37 -29.53 -27.06
CA GLU B 198 -12.17 -30.37 -27.00
C GLU B 198 -11.87 -30.81 -25.56
N GLY B 199 -11.97 -29.86 -24.63
CA GLY B 199 -11.66 -30.13 -23.22
C GLY B 199 -12.53 -31.19 -22.60
N LEU B 200 -13.84 -31.09 -22.81
CA LEU B 200 -14.79 -31.98 -22.18
C LEU B 200 -14.76 -33.40 -22.78
N GLU B 201 -14.66 -33.48 -24.09
CA GLU B 201 -14.45 -34.77 -24.76
C GLU B 201 -13.20 -35.46 -24.24
N LEU B 202 -12.13 -34.71 -24.02
CA LEU B 202 -10.93 -35.31 -23.42
C LEU B 202 -11.23 -35.94 -22.06
N LEU B 203 -11.92 -35.21 -21.19
CA LEU B 203 -12.32 -35.78 -19.89
C LEU B 203 -13.12 -37.04 -20.07
N ALA B 204 -14.15 -36.98 -20.90
CA ALA B 204 -15.01 -38.13 -21.19
C ALA B 204 -14.21 -39.38 -21.54
N ALA B 205 -13.24 -39.23 -22.44
CA ALA B 205 -12.41 -40.34 -22.88
C ALA B 205 -11.46 -40.87 -21.81
N GLN B 206 -10.99 -39.99 -20.94
CA GLN B 206 -9.90 -40.32 -20.02
C GLN B 206 -10.37 -40.64 -18.60
N LEU B 207 -11.56 -40.19 -18.26
CA LEU B 207 -12.03 -40.18 -16.88
C LEU B 207 -11.80 -41.49 -16.12
N ASP B 208 -12.28 -42.59 -16.68
CA ASP B 208 -12.24 -43.90 -16.03
C ASP B 208 -10.83 -44.37 -15.63
N ARG B 209 -9.80 -43.65 -16.10
CA ARG B 209 -8.44 -43.86 -15.64
C ARG B 209 -8.25 -43.43 -14.18
N ASN B 210 -9.08 -42.51 -13.68
CA ASN B 210 -9.09 -42.21 -12.23
C ASN B 210 -10.24 -42.95 -11.54
N ARG B 211 -9.96 -43.52 -10.37
CA ARG B 211 -10.98 -44.34 -9.73
C ARG B 211 -11.50 -43.78 -8.41
N GLN B 212 -11.14 -42.56 -8.04
CA GLN B 212 -11.64 -42.09 -6.77
C GLN B 212 -12.40 -40.77 -6.82
N LEU B 213 -12.38 -40.12 -7.98
CA LEU B 213 -13.04 -38.85 -8.17
C LEU B 213 -14.54 -38.92 -7.90
N GLN B 214 -15.03 -38.00 -7.09
CA GLN B 214 -16.44 -38.07 -6.69
C GLN B 214 -17.24 -36.93 -7.25
N GLU B 215 -16.61 -35.77 -7.37
CA GLU B 215 -17.26 -34.58 -7.83
C GLU B 215 -16.42 -33.83 -8.87
N LEU B 216 -17.00 -33.57 -10.03
CA LEU B 216 -16.33 -32.81 -11.04
C LEU B 216 -17.22 -31.67 -11.43
N ASN B 217 -16.67 -30.46 -11.43
CA ASN B 217 -17.38 -29.27 -11.87
C ASN B 217 -16.80 -28.77 -13.18
N VAL B 218 -17.59 -28.84 -14.25
CA VAL B 218 -17.13 -28.34 -15.55
C VAL B 218 -18.11 -27.31 -16.11
N ALA B 219 -18.82 -26.63 -15.21
CA ALA B 219 -19.75 -25.59 -15.58
C ALA B 219 -19.02 -24.47 -16.27
N TYR B 220 -19.77 -23.69 -17.06
CA TYR B 220 -19.30 -22.44 -17.64
C TYR B 220 -18.02 -22.59 -18.49
N ASN B 221 -18.00 -23.56 -19.40
CA ASN B 221 -16.80 -23.82 -20.17
C ASN B 221 -17.02 -23.76 -21.69
N GLY B 222 -18.09 -23.08 -22.11
CA GLY B 222 -18.36 -22.87 -23.53
C GLY B 222 -18.62 -24.12 -24.36
N ALA B 223 -18.95 -25.23 -23.71
CA ALA B 223 -19.13 -26.50 -24.42
C ALA B 223 -20.58 -26.76 -24.87
N GLY B 224 -20.72 -27.47 -26.00
CA GLY B 224 -22.01 -27.70 -26.64
C GLY B 224 -22.67 -29.01 -26.29
N ASP B 225 -23.68 -29.39 -27.06
CA ASP B 225 -24.53 -30.52 -26.70
C ASP B 225 -23.82 -31.86 -26.64
N THR B 226 -23.11 -32.24 -27.70
CA THR B 226 -22.48 -33.58 -27.74
C THR B 226 -21.35 -33.75 -26.75
N ALA B 227 -20.42 -32.79 -26.70
CA ALA B 227 -19.36 -32.83 -25.69
C ALA B 227 -19.98 -33.07 -24.32
N ALA B 228 -20.90 -32.18 -23.93
CA ALA B 228 -21.59 -32.31 -22.66
C ALA B 228 -22.19 -33.71 -22.49
N LEU B 229 -22.83 -34.23 -23.52
CA LEU B 229 -23.42 -35.59 -23.44
C LEU B 229 -22.37 -36.69 -23.27
N ALA B 230 -21.30 -36.64 -24.06
CA ALA B 230 -20.23 -37.62 -23.96
C ALA B 230 -19.70 -37.67 -22.51
N LEU B 231 -19.51 -36.51 -21.91
CA LEU B 231 -19.01 -36.46 -20.56
C LEU B 231 -20.03 -36.95 -19.58
N ALA B 232 -21.29 -36.58 -19.78
CA ALA B 232 -22.36 -37.04 -18.92
C ALA B 232 -22.44 -38.57 -18.93
N ARG B 233 -22.23 -39.14 -20.11
CA ARG B 233 -22.24 -40.58 -20.34
C ARG B 233 -21.10 -41.24 -19.60
N ALA B 234 -19.90 -40.67 -19.74
CA ALA B 234 -18.72 -41.22 -19.11
C ALA B 234 -18.91 -41.23 -17.61
N ALA B 235 -19.55 -40.18 -17.10
CA ALA B 235 -19.79 -40.02 -15.67
C ALA B 235 -20.65 -41.14 -15.14
N ARG B 236 -21.76 -41.42 -15.82
CA ARG B 236 -22.69 -42.44 -15.36
C ARG B 236 -22.05 -43.85 -15.37
N GLU B 237 -21.07 -44.03 -16.25
CA GLU B 237 -20.32 -45.26 -16.35
C GLU B 237 -19.11 -45.25 -15.41
N HIS B 238 -18.86 -44.13 -14.77
CA HIS B 238 -17.69 -44.03 -13.91
C HIS B 238 -17.88 -44.79 -12.58
N PRO B 239 -16.84 -45.51 -12.11
CA PRO B 239 -16.91 -46.29 -10.85
C PRO B 239 -17.13 -45.48 -9.58
N SER B 240 -16.72 -44.23 -9.54
CA SER B 240 -16.80 -43.45 -8.30
C SER B 240 -17.60 -42.13 -8.39
N LEU B 241 -17.67 -41.57 -9.58
CA LEU B 241 -18.16 -40.22 -9.76
C LEU B 241 -19.64 -40.04 -9.41
N GLU B 242 -19.88 -39.29 -8.33
CA GLU B 242 -21.22 -39.12 -7.79
C GLU B 242 -21.94 -37.90 -8.34
N LEU B 243 -21.21 -36.83 -8.68
CA LEU B 243 -21.81 -35.56 -9.10
C LEU B 243 -21.03 -34.83 -10.20
N LEU B 244 -21.72 -34.38 -11.23
CA LEU B 244 -21.11 -33.69 -12.39
C LEU B 244 -21.88 -32.40 -12.70
N HIS B 245 -21.18 -31.28 -12.70
CA HIS B 245 -21.82 -29.98 -12.95
C HIS B 245 -21.65 -29.57 -14.39
N LEU B 246 -22.76 -29.29 -15.07
CA LEU B 246 -22.66 -28.91 -16.46
C LEU B 246 -23.40 -27.63 -16.82
N TYR B 247 -23.78 -26.85 -15.82
CA TYR B 247 -24.59 -25.67 -16.06
C TYR B 247 -23.75 -24.57 -16.70
N PHE B 248 -24.40 -23.56 -17.27
CA PHE B 248 -23.74 -22.40 -17.86
C PHE B 248 -22.82 -22.75 -19.01
N ASN B 249 -23.07 -23.89 -19.64
CA ASN B 249 -22.43 -24.19 -20.91
C ASN B 249 -23.33 -23.84 -22.08
N GLU B 250 -22.89 -24.11 -23.30
CA GLU B 250 -23.61 -23.65 -24.48
C GLU B 250 -24.60 -24.70 -24.94
N LEU B 251 -25.42 -25.18 -24.00
CA LEU B 251 -26.36 -26.24 -24.30
C LEU B 251 -27.64 -25.68 -24.85
N SER B 252 -28.16 -26.38 -25.84
CA SER B 252 -29.49 -26.10 -26.36
C SER B 252 -30.52 -26.68 -25.39
N SER B 253 -31.76 -26.19 -25.49
CA SER B 253 -32.82 -26.59 -24.58
C SER B 253 -33.14 -28.07 -24.72
N GLU B 254 -32.99 -28.59 -25.93
CA GLU B 254 -33.16 -30.03 -26.15
C GLU B 254 -31.97 -30.82 -25.62
N GLY B 255 -30.78 -30.25 -25.72
CA GLY B 255 -29.58 -30.82 -25.11
C GLY B 255 -29.77 -31.03 -23.63
N ARG B 256 -30.32 -30.01 -22.97
CA ARG B 256 -30.61 -30.07 -21.55
C ARG B 256 -31.55 -31.18 -21.18
N GLN B 257 -32.65 -31.32 -21.90
CA GLN B 257 -33.60 -32.39 -21.57
C GLN B 257 -32.95 -33.75 -21.62
N VAL B 258 -32.22 -34.01 -22.69
CA VAL B 258 -31.51 -35.27 -22.83
C VAL B 258 -30.64 -35.53 -21.59
N LEU B 259 -29.83 -34.56 -21.22
CA LEU B 259 -29.01 -34.67 -20.01
C LEU B 259 -29.86 -34.96 -18.78
N ARG B 260 -30.98 -34.23 -18.67
CA ARG B 260 -31.86 -34.31 -17.52
C ARG B 260 -32.46 -35.71 -17.43
N ASP B 261 -32.84 -36.26 -18.57
CA ASP B 261 -33.52 -37.56 -18.64
C ASP B 261 -32.59 -38.74 -18.38
N LEU B 262 -31.29 -38.49 -18.47
CA LEU B 262 -30.27 -39.56 -18.41
C LEU B 262 -29.99 -40.06 -16.97
N GLY B 269 -26.36 -44.33 -9.89
CA GLY B 269 -26.74 -42.94 -9.85
C GLY B 269 -25.59 -41.94 -9.70
N ALA B 270 -24.98 -41.55 -10.82
CA ALA B 270 -24.14 -40.35 -10.84
C ALA B 270 -25.07 -39.19 -11.12
N ARG B 271 -24.99 -38.12 -10.35
CA ARG B 271 -25.96 -37.05 -10.47
C ARG B 271 -25.43 -35.95 -11.40
N VAL B 272 -26.22 -35.60 -12.41
CA VAL B 272 -25.83 -34.57 -13.37
C VAL B 272 -26.59 -33.27 -13.11
N VAL B 273 -25.86 -32.19 -12.91
CA VAL B 273 -26.49 -30.90 -12.69
C VAL B 273 -26.43 -30.06 -13.96
N VAL B 274 -27.61 -29.76 -14.50
CA VAL B 274 -27.69 -29.08 -15.79
C VAL B 274 -28.19 -27.66 -15.68
N SER B 275 -28.78 -27.34 -14.54
CA SER B 275 -29.33 -26.01 -14.25
C SER B 275 -28.99 -25.59 -12.84
N LEU B 276 -28.80 -24.29 -12.61
CA LEU B 276 -28.57 -23.78 -11.24
C LEU B 276 -29.72 -23.94 -10.23
N THR B 277 -30.95 -24.21 -10.72
CA THR B 277 -32.11 -24.45 -9.84
C THR B 277 -32.31 -25.93 -9.48
N VAL B 282 -26.90 -25.26 -5.89
CA VAL B 282 -27.61 -24.75 -4.70
C VAL B 282 -26.64 -24.11 -3.70
N SER B 283 -25.63 -24.87 -3.27
CA SER B 283 -24.41 -24.23 -2.83
C SER B 283 -23.68 -23.64 -4.06
N GLU B 284 -23.84 -24.27 -5.22
CA GLU B 284 -23.13 -23.87 -6.42
C GLU B 284 -23.62 -22.52 -6.90
N TYR B 285 -24.91 -22.29 -6.66
CA TYR B 285 -25.57 -21.03 -6.93
C TYR B 285 -24.70 -19.95 -6.32
N TRP B 286 -24.44 -20.16 -5.03
CA TRP B 286 -23.61 -19.29 -4.20
C TRP B 286 -22.18 -19.14 -4.62
N SER B 287 -21.53 -20.26 -4.88
CA SER B 287 -20.18 -20.21 -5.30
C SER B 287 -19.98 -19.06 -6.29
N VAL B 288 -20.81 -19.03 -7.33
CA VAL B 288 -20.58 -18.13 -8.43
C VAL B 288 -20.88 -16.66 -8.10
N ILE B 289 -21.67 -16.40 -7.06
CA ILE B 289 -21.85 -15.03 -6.60
C ILE B 289 -20.58 -14.59 -5.90
N LEU B 290 -20.11 -15.47 -5.01
CA LEU B 290 -18.97 -15.20 -4.15
C LEU B 290 -17.72 -15.14 -4.98
N SER B 291 -17.76 -15.81 -6.14
CA SER B 291 -16.74 -15.60 -7.16
C SER B 291 -16.65 -14.14 -7.60
N GLU B 292 -17.79 -13.46 -7.63
CA GLU B 292 -17.84 -12.09 -8.08
C GLU B 292 -17.33 -11.16 -7.00
N VAL B 293 -17.74 -11.43 -5.77
CA VAL B 293 -17.29 -10.60 -4.67
C VAL B 293 -15.79 -10.70 -4.50
N GLN B 294 -15.25 -11.90 -4.73
CA GLN B 294 -13.84 -12.16 -4.55
C GLN B 294 -13.10 -11.38 -5.59
N ARG B 295 -13.62 -11.42 -6.81
CA ARG B 295 -13.12 -10.60 -7.87
C ARG B 295 -13.07 -9.13 -7.46
N ASN B 296 -14.21 -8.59 -7.03
CA ASN B 296 -14.35 -7.15 -6.85
C ASN B 296 -14.02 -6.70 -5.45
N LEU B 297 -13.58 -7.60 -4.58
CA LEU B 297 -13.24 -7.27 -3.19
C LEU B 297 -12.48 -5.95 -3.06
N ASN B 298 -11.26 -5.92 -3.60
CA ASN B 298 -10.49 -4.68 -3.62
C ASN B 298 -11.23 -3.42 -4.15
N SER B 299 -12.26 -3.61 -4.97
CA SER B 299 -12.92 -2.51 -5.68
C SER B 299 -14.08 -1.92 -4.91
N TRP B 300 -14.50 -2.58 -3.85
CA TRP B 300 -15.72 -2.16 -3.15
C TRP B 300 -15.51 -1.55 -1.78
N ASP B 301 -16.53 -0.81 -1.33
CA ASP B 301 -16.67 -0.36 0.03
C ASP B 301 -16.52 -1.56 0.99
N ARG B 302 -15.33 -1.65 1.56
CA ARG B 302 -14.95 -2.76 2.40
C ARG B 302 -15.90 -2.86 3.61
N ALA B 303 -16.16 -1.75 4.27
CA ALA B 303 -17.03 -1.77 5.44
C ALA B 303 -18.44 -2.29 5.08
N ARG B 304 -18.97 -1.82 3.96
CA ARG B 304 -20.24 -2.33 3.46
C ARG B 304 -20.13 -3.81 3.15
N VAL B 305 -19.19 -4.16 2.28
CA VAL B 305 -19.10 -5.56 1.83
C VAL B 305 -18.93 -6.48 3.03
N GLN B 306 -18.21 -6.05 4.04
CA GLN B 306 -18.10 -6.82 5.26
C GLN B 306 -19.48 -7.05 5.90
N ARG B 307 -20.35 -6.05 5.95
CA ARG B 307 -21.61 -6.31 6.63
C ARG B 307 -22.53 -7.21 5.81
N HIS B 308 -22.53 -7.07 4.48
CA HIS B 308 -23.30 -7.99 3.62
C HIS B 308 -22.89 -9.41 3.92
N LEU B 309 -21.59 -9.59 4.07
CA LEU B 309 -21.06 -10.92 4.27
C LEU B 309 -21.29 -11.48 5.70
N GLU B 310 -21.28 -10.62 6.71
CA GLU B 310 -21.62 -11.04 8.05
C GLU B 310 -23.08 -11.53 8.13
N LEU B 311 -24.02 -10.74 7.62
CA LEU B 311 -25.44 -11.09 7.65
C LEU B 311 -25.68 -12.37 6.84
N LEU B 312 -24.97 -12.52 5.75
CA LEU B 312 -25.15 -13.71 4.95
C LEU B 312 -24.64 -14.97 5.70
N LEU B 313 -23.49 -14.85 6.36
CA LEU B 313 -22.98 -15.90 7.23
C LEU B 313 -23.97 -16.32 8.34
N ARG B 314 -24.44 -15.36 9.13
CA ARG B 314 -25.49 -15.58 10.11
C ARG B 314 -26.66 -16.34 9.46
N ASP B 315 -27.14 -15.79 8.34
CA ASP B 315 -28.25 -16.31 7.58
C ASP B 315 -27.99 -17.78 7.24
N LEU B 316 -26.78 -18.09 6.78
CA LEU B 316 -26.40 -19.49 6.44
C LEU B 316 -26.39 -20.44 7.65
N GLU B 317 -25.81 -19.99 8.77
CA GLU B 317 -25.75 -20.80 9.97
C GLU B 317 -27.12 -21.37 10.33
N ASP B 318 -28.12 -20.49 10.27
CA ASP B 318 -29.44 -20.81 10.76
C ASP B 318 -30.20 -21.74 9.83
N SER B 319 -30.20 -21.44 8.54
CA SER B 319 -30.76 -22.37 7.58
C SER B 319 -30.12 -23.74 7.69
N ARG B 320 -28.84 -23.79 8.06
CA ARG B 320 -28.17 -25.07 8.29
C ARG B 320 -28.71 -25.73 9.57
N GLY B 321 -28.82 -24.96 10.65
CA GLY B 321 -29.43 -25.43 11.89
C GLY B 321 -30.87 -25.94 11.77
N ALA B 322 -31.67 -25.35 10.89
CA ALA B 322 -33.11 -25.60 10.86
C ALA B 322 -33.62 -26.43 9.67
N THR B 323 -32.76 -27.24 9.09
CA THR B 323 -33.21 -28.37 8.30
C THR B 323 -32.42 -29.56 8.77
N LEU B 324 -33.00 -30.76 8.66
CA LEU B 324 -32.26 -31.93 9.08
C LEU B 324 -31.63 -32.71 7.90
N ASN B 325 -31.69 -32.10 6.70
CA ASN B 325 -31.20 -32.76 5.48
C ASN B 325 -29.67 -32.84 5.43
N PRO B 326 -29.12 -34.07 5.43
CA PRO B 326 -27.65 -34.25 5.43
C PRO B 326 -26.97 -33.52 4.28
N TRP B 327 -27.55 -33.65 3.10
CA TRP B 327 -26.94 -33.12 1.90
C TRP B 327 -27.15 -31.60 1.81
N ARG B 328 -28.26 -31.11 2.38
CA ARG B 328 -28.52 -29.69 2.57
C ARG B 328 -27.51 -29.10 3.54
N LYS B 329 -27.26 -29.80 4.64
CA LYS B 329 -26.30 -29.26 5.59
C LYS B 329 -24.93 -29.19 4.97
N ALA B 330 -24.57 -30.20 4.19
CA ALA B 330 -23.24 -30.23 3.59
C ALA B 330 -23.10 -29.09 2.59
N GLN B 331 -24.12 -28.88 1.77
CA GLN B 331 -24.11 -27.76 0.79
C GLN B 331 -23.95 -26.37 1.46
N LEU B 332 -24.66 -26.13 2.57
CA LEU B 332 -24.61 -24.82 3.21
C LEU B 332 -23.27 -24.61 3.84
N LEU B 333 -22.72 -25.69 4.36
CA LEU B 333 -21.51 -25.61 5.14
C LEU B 333 -20.41 -25.21 4.19
N ARG B 334 -20.55 -25.65 2.93
CA ARG B 334 -19.63 -25.29 1.87
C ARG B 334 -19.64 -23.76 1.63
N VAL B 335 -20.85 -23.19 1.54
CA VAL B 335 -21.01 -21.76 1.40
C VAL B 335 -20.47 -21.01 2.64
N GLU B 336 -20.82 -21.46 3.85
CA GLU B 336 -20.15 -20.96 5.04
C GLU B 336 -18.62 -20.88 4.83
N GLY B 337 -18.02 -21.93 4.25
CA GLY B 337 -16.59 -21.95 3.98
C GLY B 337 -16.10 -20.79 3.11
N GLU B 338 -16.80 -20.54 2.01
CA GLU B 338 -16.42 -19.49 1.09
C GLU B 338 -16.62 -18.10 1.73
N VAL B 339 -17.73 -17.90 2.43
CA VAL B 339 -17.97 -16.63 3.09
C VAL B 339 -16.94 -16.30 4.15
N ARG B 340 -16.62 -17.27 5.02
CA ARG B 340 -15.66 -17.05 6.09
C ARG B 340 -14.35 -16.64 5.49
N ALA B 341 -14.06 -17.20 4.33
CA ALA B 341 -12.81 -16.95 3.63
C ALA B 341 -12.69 -15.51 3.07
N LEU B 342 -13.80 -15.00 2.54
CA LEU B 342 -13.87 -13.58 2.15
C LEU B 342 -13.78 -12.64 3.36
N LEU B 343 -14.46 -12.96 4.47
CA LEU B 343 -14.35 -12.11 5.64
C LEU B 343 -12.91 -11.95 6.11
N GLU B 344 -12.23 -13.10 6.17
CA GLU B 344 -10.87 -13.19 6.61
C GLU B 344 -10.03 -12.24 5.77
N GLN B 345 -10.23 -12.35 4.45
CA GLN B 345 -9.53 -11.57 3.43
C GLN B 345 -9.78 -10.09 3.61
N LEU B 346 -10.90 -9.74 4.23
CA LEU B 346 -11.12 -8.35 4.62
C LEU B 346 -10.45 -8.12 5.98
N VAL C 45 -6.87 -16.49 12.47
CA VAL C 45 -7.07 -15.04 12.75
C VAL C 45 -6.39 -14.17 11.66
N LEU C 46 -5.07 -14.20 11.56
CA LEU C 46 -4.38 -13.26 10.70
C LEU C 46 -4.92 -13.11 9.26
N PRO C 47 -5.38 -11.91 8.92
CA PRO C 47 -5.77 -11.77 7.54
C PRO C 47 -4.58 -12.01 6.63
N PRO C 48 -4.83 -12.37 5.38
CA PRO C 48 -3.81 -12.65 4.37
C PRO C 48 -2.56 -11.78 4.37
N SER C 49 -2.67 -10.47 4.20
CA SER C 49 -1.48 -9.64 4.18
C SER C 49 -0.79 -9.62 5.53
N GLU C 50 -1.58 -9.63 6.60
CA GLU C 50 -0.98 -9.52 7.91
C GLU C 50 -0.25 -10.82 8.18
N LEU C 51 -0.83 -11.93 7.72
CA LEU C 51 -0.18 -13.24 7.89
C LEU C 51 1.10 -13.32 7.10
N LEU C 52 1.13 -12.71 5.93
CA LEU C 52 2.34 -12.71 5.13
C LEU C 52 3.43 -11.88 5.77
N ASP C 53 3.04 -10.71 6.30
CA ASP C 53 3.97 -9.89 7.07
C ASP C 53 4.70 -10.64 8.18
N HIS C 54 3.92 -11.44 8.90
CA HIS C 54 4.36 -12.28 10.04
C HIS C 54 5.30 -13.39 9.56
N LEU C 55 4.98 -14.04 8.44
CA LEU C 55 5.88 -15.04 7.91
C LEU C 55 7.19 -14.41 7.50
N PHE C 56 7.11 -13.20 6.94
CA PHE C 56 8.30 -12.46 6.48
C PHE C 56 9.18 -12.17 7.67
N PHE C 57 8.55 -11.71 8.74
CA PHE C 57 9.34 -11.43 9.89
C PHE C 57 10.14 -12.66 10.32
N HIS C 58 9.49 -13.83 10.37
CA HIS C 58 10.15 -14.99 10.85
C HIS C 58 11.23 -15.46 9.91
N TYR C 59 11.00 -15.34 8.60
CA TYR C 59 11.95 -15.76 7.61
C TYR C 59 13.20 -14.87 7.75
N GLU C 60 12.91 -13.59 7.92
CA GLU C 60 13.90 -12.56 8.07
C GLU C 60 14.68 -12.73 9.40
N PHE C 61 14.02 -13.07 10.49
CA PHE C 61 14.68 -13.34 11.77
C PHE C 61 15.62 -14.59 11.75
N GLN C 62 15.18 -15.68 11.14
CA GLN C 62 16.01 -16.90 11.02
C GLN C 62 17.24 -16.71 10.11
N ASN C 63 17.15 -15.83 9.13
CA ASN C 63 18.19 -15.69 8.13
C ASN C 63 19.07 -14.47 8.39
N GLN C 64 18.89 -13.87 9.55
CA GLN C 64 19.50 -12.59 9.85
C GLN C 64 21.02 -12.56 9.63
N ARG C 65 21.72 -13.52 10.23
CA ARG C 65 23.17 -13.60 10.13
C ARG C 65 23.61 -13.78 8.69
N PHE C 66 22.95 -14.69 7.98
CA PHE C 66 23.26 -15.01 6.60
C PHE C 66 23.10 -13.83 5.63
N SER C 67 21.99 -13.12 5.72
CA SER C 67 21.68 -12.08 4.77
C SER C 67 22.38 -10.77 5.12
N ALA C 68 22.72 -10.59 6.39
CA ALA C 68 23.63 -9.52 6.82
C ALA C 68 24.94 -9.58 6.07
N GLU C 69 25.46 -10.77 5.85
CA GLU C 69 26.70 -10.96 5.10
C GLU C 69 26.47 -10.60 3.64
N VAL C 70 25.36 -11.10 3.09
CA VAL C 70 25.02 -10.84 1.70
C VAL C 70 24.98 -9.33 1.39
N LEU C 71 24.33 -8.55 2.27
CA LEU C 71 24.25 -7.10 2.19
C LEU C 71 25.59 -6.38 2.12
N SER C 72 26.50 -6.75 2.99
CA SER C 72 27.80 -6.07 3.04
C SER C 72 28.55 -6.27 1.75
N SER C 73 28.13 -7.27 1.01
CA SER C 73 28.76 -7.47 -0.25
C SER C 73 27.87 -7.13 -1.45
N LEU C 74 26.90 -6.24 -1.24
CA LEU C 74 26.10 -5.72 -2.33
C LEU C 74 26.91 -4.78 -3.19
N ARG C 75 26.63 -4.82 -4.50
CA ARG C 75 27.32 -4.01 -5.49
C ARG C 75 26.36 -3.14 -6.27
N GLN C 76 25.06 -3.27 -6.01
CA GLN C 76 24.03 -2.60 -6.78
C GLN C 76 22.97 -2.14 -5.81
N LEU C 77 22.37 -1.00 -6.06
CA LEU C 77 21.32 -0.57 -5.21
C LEU C 77 20.23 0.16 -5.99
N ASN C 78 19.09 -0.50 -6.15
CA ASN C 78 18.01 0.06 -6.89
C ASN C 78 16.78 0.25 -6.01
N LEU C 79 16.45 1.51 -5.75
CA LEU C 79 15.27 1.85 -4.94
C LEU C 79 14.29 2.70 -5.76
N ALA C 80 14.38 2.57 -7.07
CA ALA C 80 13.59 3.35 -7.96
C ALA C 80 12.14 3.14 -7.60
N GLY C 81 11.41 4.25 -7.42
CA GLY C 81 9.97 4.24 -7.24
C GLY C 81 9.47 4.23 -5.81
N VAL C 82 10.32 4.02 -4.82
CA VAL C 82 9.83 4.06 -3.45
C VAL C 82 9.99 5.48 -2.88
N ARG C 83 8.97 5.93 -2.15
CA ARG C 83 9.02 7.25 -1.55
C ARG C 83 10.05 7.25 -0.45
N MET C 84 11.19 7.86 -0.71
CA MET C 84 12.27 7.90 0.26
C MET C 84 12.05 9.03 1.26
N THR C 85 11.30 8.78 2.31
CA THR C 85 11.14 9.75 3.39
C THR C 85 12.44 9.92 4.22
N PRO C 86 12.49 10.93 5.12
CA PRO C 86 13.68 11.10 5.99
C PRO C 86 14.13 9.80 6.69
N VAL C 87 13.16 9.00 7.13
CA VAL C 87 13.42 7.79 7.89
C VAL C 87 14.03 6.67 7.04
N LYS C 88 13.46 6.52 5.84
CA LYS C 88 13.92 5.51 4.95
C LYS C 88 15.33 5.88 4.57
N CYS C 89 15.53 7.16 4.29
CA CYS C 89 16.87 7.70 4.01
C CYS C 89 17.85 7.34 5.08
N THR C 90 17.52 7.71 6.31
CA THR C 90 18.32 7.35 7.46
C THR C 90 18.67 5.86 7.52
N VAL C 91 17.70 5.01 7.24
CA VAL C 91 17.90 3.58 7.36
C VAL C 91 18.91 3.12 6.32
N VAL C 92 18.76 3.64 5.10
CA VAL C 92 19.64 3.23 3.99
C VAL C 92 21.09 3.65 4.24
N ALA C 93 21.26 4.86 4.73
CA ALA C 93 22.57 5.35 5.10
C ALA C 93 23.13 4.49 6.24
N ALA C 94 22.30 4.07 7.17
CA ALA C 94 22.86 3.30 8.27
C ALA C 94 23.32 1.96 7.79
N VAL C 95 22.50 1.27 7.04
CA VAL C 95 22.77 -0.10 6.74
C VAL C 95 23.73 -0.21 5.56
N LEU C 96 23.69 0.76 4.67
CA LEU C 96 24.53 0.65 3.48
C LEU C 96 25.57 1.75 3.32
N GLY C 97 25.71 2.62 4.33
CA GLY C 97 26.73 3.69 4.32
C GLY C 97 28.16 3.19 4.06
N SER C 98 28.46 1.99 4.55
CA SER C 98 29.78 1.43 4.27
C SER C 98 29.66 0.01 3.79
N GLY C 99 30.68 -0.45 3.06
CA GLY C 99 30.73 -1.81 2.57
C GLY C 99 32.02 -2.10 1.82
N ARG C 100 32.25 -3.40 1.59
CA ARG C 100 33.40 -3.88 0.82
C ARG C 100 33.50 -3.11 -0.49
N HIS C 101 32.49 -3.29 -1.33
CA HIS C 101 32.68 -2.97 -2.72
C HIS C 101 32.18 -1.55 -2.99
N ALA C 102 32.54 -1.02 -4.16
CA ALA C 102 31.87 0.13 -4.70
C ALA C 102 30.51 -0.35 -5.11
N LEU C 103 29.55 0.58 -5.20
CA LEU C 103 28.26 0.27 -5.70
C LEU C 103 28.27 0.57 -7.19
N ASP C 104 28.32 -0.47 -8.01
CA ASP C 104 28.46 -0.29 -9.43
C ASP C 104 27.35 0.59 -9.96
N GLU C 105 26.18 0.49 -9.35
CA GLU C 105 25.07 1.37 -9.72
C GLU C 105 24.20 1.71 -8.55
N VAL C 106 23.78 2.98 -8.48
CA VAL C 106 22.83 3.41 -7.50
C VAL C 106 21.63 4.11 -8.17
N ASN C 107 20.48 3.45 -8.13
CA ASN C 107 19.33 4.01 -8.80
C ASN C 107 18.23 4.46 -7.84
N LEU C 108 17.98 5.75 -7.83
CA LEU C 108 16.93 6.29 -7.03
C LEU C 108 15.99 7.19 -7.82
N ALA C 109 15.77 6.87 -9.09
CA ALA C 109 14.78 7.55 -9.91
C ALA C 109 13.42 7.52 -9.24
N SER C 110 12.75 8.67 -9.25
CA SER C 110 11.35 8.66 -8.97
C SER C 110 11.14 8.32 -7.51
N CYS C 111 11.99 8.83 -6.63
CA CYS C 111 11.90 8.50 -5.20
C CYS C 111 11.41 9.62 -4.28
N GLN C 112 11.03 10.76 -4.86
CA GLN C 112 10.51 11.89 -4.08
C GLN C 112 11.53 12.38 -3.06
N LEU C 113 12.75 12.43 -3.51
CA LEU C 113 13.87 12.79 -2.70
C LEU C 113 13.94 14.29 -2.54
N ASP C 114 14.26 14.74 -1.33
CA ASP C 114 14.47 16.16 -1.06
C ASP C 114 15.96 16.43 -0.76
N PRO C 115 16.37 17.69 -0.68
CA PRO C 115 17.73 18.07 -0.23
C PRO C 115 18.24 17.38 1.05
N ALA C 116 17.46 17.43 2.13
CA ALA C 116 17.85 16.75 3.38
C ALA C 116 18.16 15.26 3.14
N GLY C 117 17.26 14.58 2.43
CA GLY C 117 17.41 13.16 2.16
C GLY C 117 18.74 12.95 1.45
N LEU C 118 19.00 13.83 0.50
CA LEU C 118 20.26 13.85 -0.19
C LEU C 118 21.48 13.91 0.71
N ARG C 119 21.50 14.86 1.64
CA ARG C 119 22.58 14.92 2.62
C ARG C 119 22.70 13.64 3.40
N THR C 120 21.56 13.08 3.82
CA THR C 120 21.57 11.85 4.61
C THR C 120 22.20 10.76 3.75
N LEU C 121 21.82 10.68 2.50
CA LEU C 121 22.30 9.64 1.62
C LEU C 121 23.75 9.80 1.09
N LEU C 122 24.37 10.94 1.34
CA LEU C 122 25.75 11.16 0.90
C LEU C 122 26.73 9.97 1.12
N PRO C 123 26.80 9.40 2.32
CA PRO C 123 27.79 8.31 2.41
C PRO C 123 27.47 7.13 1.46
N VAL C 124 26.18 6.92 1.13
CA VAL C 124 25.85 5.92 0.13
C VAL C 124 26.27 6.34 -1.29
N PHE C 125 26.00 7.58 -1.62
CA PHE C 125 26.40 8.15 -2.90
C PHE C 125 27.91 8.04 -3.11
N LEU C 126 28.67 8.32 -2.06
CA LEU C 126 30.11 8.28 -2.21
C LEU C 126 30.57 6.88 -2.66
N ARG C 127 29.76 5.85 -2.46
CA ARG C 127 30.17 4.50 -2.83
C ARG C 127 29.86 4.26 -4.30
N ALA C 128 29.13 5.17 -4.93
CA ALA C 128 28.52 4.89 -6.24
C ALA C 128 29.41 5.21 -7.46
N ARG C 129 29.43 4.28 -8.42
CA ARG C 129 30.02 4.53 -9.70
C ARG C 129 29.02 5.24 -10.61
N LYS C 130 27.79 4.71 -10.66
CA LYS C 130 26.72 5.30 -11.43
C LYS C 130 25.58 5.68 -10.51
N LEU C 131 25.09 6.89 -10.66
CA LEU C 131 24.13 7.41 -9.76
C LEU C 131 22.98 8.01 -10.55
N GLY C 132 21.80 7.39 -10.43
CA GLY C 132 20.55 7.89 -11.03
C GLY C 132 19.64 8.61 -10.03
N LEU C 133 19.28 9.83 -10.34
CA LEU C 133 18.49 10.64 -9.47
C LEU C 133 17.41 11.35 -10.26
N GLN C 134 17.00 10.72 -11.36
CA GLN C 134 16.01 11.35 -12.19
C GLN C 134 14.68 11.48 -11.45
N LEU C 135 13.84 12.42 -11.88
CA LEU C 135 12.44 12.47 -11.50
C LEU C 135 12.29 12.60 -10.01
N ASN C 136 13.09 13.42 -9.39
CA ASN C 136 13.01 13.56 -7.93
C ASN C 136 12.66 14.95 -7.48
N SER C 137 12.30 15.80 -8.43
CA SER C 137 11.85 17.11 -8.03
C SER C 137 12.94 17.98 -7.39
N LEU C 138 14.22 17.61 -7.56
CA LEU C 138 15.38 18.38 -7.10
C LEU C 138 15.44 19.75 -7.74
N GLY C 139 15.58 20.79 -6.92
CA GLY C 139 15.69 22.18 -7.41
C GLY C 139 17.07 22.77 -7.15
N PRO C 140 17.18 24.10 -7.17
CA PRO C 140 18.46 24.74 -6.83
C PRO C 140 18.96 24.45 -5.40
N GLU C 141 18.03 24.25 -4.47
CA GLU C 141 18.38 23.97 -3.08
C GLU C 141 19.26 22.72 -3.04
N ALA C 142 18.86 21.69 -3.76
CA ALA C 142 19.56 20.41 -3.77
C ALA C 142 20.91 20.46 -4.46
N CYS C 143 21.11 21.43 -5.32
CA CYS C 143 22.31 21.52 -6.13
C CYS C 143 23.56 21.77 -5.26
N LYS C 144 23.39 22.45 -4.13
CA LYS C 144 24.51 22.65 -3.21
C LYS C 144 25.01 21.31 -2.68
N ASP C 145 24.08 20.40 -2.44
CA ASP C 145 24.44 19.12 -1.91
C ASP C 145 25.12 18.28 -2.95
N LEU C 146 24.66 18.37 -4.19
CA LEU C 146 25.31 17.69 -5.29
C LEU C 146 26.71 18.25 -5.55
N ARG C 147 26.82 19.55 -5.55
CA ARG C 147 28.08 20.24 -5.63
C ARG C 147 29.07 19.63 -4.66
N ASP C 148 28.66 19.47 -3.40
CA ASP C 148 29.59 19.00 -2.36
C ASP C 148 29.93 17.54 -2.55
N LEU C 149 29.00 16.80 -3.13
CA LEU C 149 29.22 15.41 -3.46
C LEU C 149 30.31 15.30 -4.51
N LEU C 150 30.22 16.16 -5.54
CA LEU C 150 31.20 16.17 -6.62
C LEU C 150 32.58 16.64 -6.20
N LEU C 151 32.62 17.52 -5.21
CA LEU C 151 33.87 18.08 -4.71
C LEU C 151 34.56 17.21 -3.71
N HIS C 152 33.87 16.18 -3.22
CA HIS C 152 34.35 15.32 -2.13
C HIS C 152 35.51 14.42 -2.58
N ASP C 153 36.58 14.41 -1.81
CA ASP C 153 37.78 13.62 -2.16
C ASP C 153 37.53 12.17 -2.51
N GLN C 154 36.48 11.59 -1.91
CA GLN C 154 36.14 10.18 -2.12
C GLN C 154 35.20 9.96 -3.30
N CYS C 155 34.82 11.03 -3.97
CA CYS C 155 33.90 10.87 -5.08
C CYS C 155 34.48 9.97 -6.19
N GLN C 156 33.72 8.94 -6.53
CA GLN C 156 34.13 7.91 -7.48
C GLN C 156 33.03 7.81 -8.60
N ILE C 157 32.12 8.78 -8.63
CA ILE C 157 31.01 8.76 -9.58
C ILE C 157 31.47 9.00 -11.00
N THR C 158 31.13 8.09 -11.91
CA THR C 158 31.50 8.27 -13.32
C THR C 158 30.35 8.73 -14.16
N THR C 159 29.14 8.20 -13.88
CA THR C 159 27.88 8.56 -14.56
C THR C 159 26.92 9.17 -13.57
N LEU C 160 26.45 10.39 -13.82
CA LEU C 160 25.50 11.07 -12.94
C LEU C 160 24.28 11.48 -13.75
N ARG C 161 23.09 10.99 -13.40
CA ARG C 161 21.90 11.25 -14.19
C ARG C 161 20.92 12.08 -13.40
N LEU C 162 20.81 13.37 -13.74
CA LEU C 162 19.93 14.28 -13.02
C LEU C 162 18.70 14.71 -13.80
N SER C 163 18.36 14.01 -14.87
CA SER C 163 17.26 14.46 -15.71
C SER C 163 15.92 14.49 -15.03
N ASN C 164 15.04 15.28 -15.62
CA ASN C 164 13.72 15.48 -15.13
C ASN C 164 13.77 15.87 -13.65
N ASN C 165 14.65 16.82 -13.36
CA ASN C 165 14.62 17.57 -12.11
C ASN C 165 14.66 19.05 -12.43
N PRO C 166 13.83 19.86 -11.76
CA PRO C 166 13.86 21.27 -12.03
C PRO C 166 15.07 21.98 -11.41
N LEU C 167 16.28 21.62 -11.87
CA LEU C 167 17.50 22.27 -11.41
C LEU C 167 17.47 23.76 -11.62
N THR C 168 17.21 24.21 -12.85
CA THR C 168 17.22 25.65 -13.14
C THR C 168 18.63 26.10 -13.50
N ALA C 169 18.76 27.27 -14.13
CA ALA C 169 20.07 27.89 -14.41
C ALA C 169 20.82 28.20 -13.12
N ALA C 170 20.16 28.85 -12.16
CA ALA C 170 20.73 28.98 -10.82
C ALA C 170 21.24 27.63 -10.28
N GLY C 171 20.53 26.55 -10.57
CA GLY C 171 20.97 25.29 -10.02
C GLY C 171 22.22 24.75 -10.68
N VAL C 172 22.21 24.81 -12.01
CA VAL C 172 23.35 24.32 -12.80
C VAL C 172 24.61 25.16 -12.53
N ALA C 173 24.48 26.45 -12.29
CA ALA C 173 25.64 27.25 -11.93
C ALA C 173 26.31 26.64 -10.73
N VAL C 174 25.50 26.31 -9.73
CA VAL C 174 26.05 25.79 -8.49
C VAL C 174 26.64 24.42 -8.77
N LEU C 175 25.94 23.66 -9.60
CA LEU C 175 26.42 22.33 -9.96
C LEU C 175 27.75 22.42 -10.73
N MET C 176 27.85 23.43 -11.60
CA MET C 176 29.01 23.59 -12.41
C MET C 176 30.26 23.75 -11.52
N GLU C 177 30.13 24.50 -10.42
CA GLU C 177 31.24 24.67 -9.47
C GLU C 177 31.76 23.34 -8.92
N GLY C 178 30.85 22.40 -8.70
CA GLY C 178 31.23 21.08 -8.24
C GLY C 178 31.93 20.32 -9.33
N LEU C 179 31.35 20.38 -10.51
CA LEU C 179 31.95 19.80 -11.67
C LEU C 179 33.39 20.32 -11.93
N ALA C 180 33.57 21.63 -11.77
CA ALA C 180 34.93 22.25 -11.86
C ALA C 180 35.97 21.54 -11.00
N GLY C 181 35.61 21.09 -9.81
CA GLY C 181 36.54 20.41 -8.94
C GLY C 181 36.35 18.92 -8.84
N ASN C 182 35.82 18.31 -9.88
CA ASN C 182 35.60 16.87 -9.94
C ASN C 182 36.47 16.24 -11.01
N THR C 183 36.94 15.03 -10.80
CA THR C 183 37.69 14.35 -11.85
C THR C 183 37.09 12.99 -12.18
N SER C 184 36.07 12.59 -11.46
CA SER C 184 35.58 11.25 -11.67
C SER C 184 34.52 11.18 -12.76
N VAL C 185 33.67 12.19 -12.84
CA VAL C 185 32.51 12.13 -13.71
C VAL C 185 32.82 12.26 -15.18
N THR C 186 32.52 11.22 -15.92
CA THR C 186 32.65 11.22 -17.37
C THR C 186 31.33 11.38 -18.13
N HIS C 187 30.21 10.98 -17.53
CA HIS C 187 28.89 11.08 -18.21
C HIS C 187 27.87 11.83 -17.37
N LEU C 188 27.34 12.93 -17.89
CA LEU C 188 26.41 13.75 -17.11
C LEU C 188 25.15 13.99 -17.89
N SER C 189 24.00 13.75 -17.24
CA SER C 189 22.77 13.97 -17.96
C SER C 189 21.89 15.10 -17.39
N LEU C 190 21.56 16.09 -18.20
CA LEU C 190 20.79 17.22 -17.70
C LEU C 190 19.53 17.40 -18.52
N LEU C 191 19.08 16.30 -19.11
CA LEU C 191 17.88 16.32 -19.93
C LEU C 191 16.70 16.87 -19.12
N HIS C 192 15.96 17.83 -19.72
CA HIS C 192 14.75 18.42 -19.11
C HIS C 192 14.98 18.81 -17.66
N THR C 193 15.86 19.78 -17.45
CA THR C 193 16.15 20.27 -16.11
C THR C 193 15.92 21.77 -15.94
N GLY C 194 15.08 22.36 -16.79
CA GLY C 194 14.77 23.79 -16.75
C GLY C 194 15.93 24.77 -16.93
N LEU C 195 16.97 24.38 -17.68
CA LEU C 195 18.17 25.22 -17.87
C LEU C 195 17.92 26.47 -18.74
N GLY C 196 17.23 26.30 -19.86
CA GLY C 196 17.04 27.34 -20.84
C GLY C 196 18.30 28.01 -21.38
N ASP C 197 18.04 29.10 -22.07
CA ASP C 197 19.02 30.06 -22.49
CA ASP C 197 19.11 29.96 -22.53
C ASP C 197 20.16 30.23 -21.46
N GLU C 198 19.76 30.78 -20.31
CA GLU C 198 20.74 31.14 -19.30
C GLU C 198 21.59 29.91 -18.94
N GLY C 199 20.93 28.76 -18.76
CA GLY C 199 21.61 27.58 -18.31
C GLY C 199 22.66 27.06 -19.29
N LEU C 200 22.35 27.07 -20.59
CA LEU C 200 23.25 26.47 -21.54
C LEU C 200 24.42 27.39 -21.81
N GLU C 201 24.17 28.68 -21.92
CA GLU C 201 25.25 29.65 -21.97
C GLU C 201 26.18 29.47 -20.77
N LEU C 202 25.64 29.24 -19.58
CA LEU C 202 26.53 29.03 -18.45
C LEU C 202 27.50 27.86 -18.69
N LEU C 203 26.95 26.70 -19.07
CA LEU C 203 27.77 25.56 -19.43
C LEU C 203 28.84 25.95 -20.48
N ALA C 204 28.42 26.65 -21.52
CA ALA C 204 29.35 26.97 -22.57
C ALA C 204 30.56 27.76 -22.05
N ALA C 205 30.31 28.77 -21.21
CA ALA C 205 31.36 29.55 -20.60
C ALA C 205 32.24 28.75 -19.59
N GLN C 206 31.65 27.80 -18.86
CA GLN C 206 32.33 27.13 -17.72
C GLN C 206 32.92 25.73 -17.98
N LEU C 207 32.38 25.05 -18.98
CA LEU C 207 32.77 23.71 -19.32
C LEU C 207 34.27 23.36 -19.27
N ASP C 208 35.10 24.08 -20.03
CA ASP C 208 36.48 23.75 -20.16
C ASP C 208 37.17 23.71 -18.81
N ARG C 209 36.49 24.20 -17.77
CA ARG C 209 37.00 24.04 -16.41
C ARG C 209 37.06 22.58 -15.93
N ASN C 210 36.16 21.74 -16.45
CA ASN C 210 36.27 20.29 -16.28
C ASN C 210 37.05 19.63 -17.42
N ARG C 211 37.93 18.71 -17.10
CA ARG C 211 38.74 18.12 -18.15
C ARG C 211 38.51 16.65 -18.38
N GLN C 212 37.46 16.07 -17.77
CA GLN C 212 37.22 14.63 -18.00
C GLN C 212 35.85 14.24 -18.55
N LEU C 213 34.95 15.20 -18.62
CA LEU C 213 33.64 14.99 -19.16
C LEU C 213 33.63 14.50 -20.61
N GLN C 214 32.95 13.38 -20.86
CA GLN C 214 32.89 12.79 -22.19
C GLN C 214 31.51 12.96 -22.86
N GLU C 215 30.46 12.95 -22.06
CA GLU C 215 29.09 12.98 -22.59
C GLU C 215 28.19 13.87 -21.76
N LEU C 216 27.52 14.82 -22.43
CA LEU C 216 26.69 15.75 -21.75
C LEU C 216 25.35 15.76 -22.47
N ASN C 217 24.27 15.51 -21.76
CA ASN C 217 22.97 15.52 -22.36
C ASN C 217 22.24 16.77 -21.88
N VAL C 218 21.94 17.67 -22.80
CA VAL C 218 21.17 18.87 -22.43
C VAL C 218 19.91 19.03 -23.28
N ALA C 219 19.46 17.91 -23.82
CA ALA C 219 18.25 17.87 -24.59
C ALA C 219 17.07 18.39 -23.78
N TYR C 220 16.05 18.88 -24.50
CA TYR C 220 14.73 19.15 -23.91
C TYR C 220 14.85 20.12 -22.74
N ASN C 221 15.52 21.23 -22.98
CA ASN C 221 15.71 22.21 -21.95
C ASN C 221 15.23 23.59 -22.33
N GLY C 222 14.34 23.69 -23.31
CA GLY C 222 13.74 24.96 -23.67
C GLY C 222 14.66 26.03 -24.25
N ALA C 223 15.86 25.63 -24.70
CA ALA C 223 16.87 26.59 -25.20
C ALA C 223 16.80 26.89 -26.71
N GLY C 224 17.16 28.12 -27.09
CA GLY C 224 17.10 28.56 -28.48
C GLY C 224 18.39 28.42 -29.30
N ASP C 225 18.42 29.06 -30.47
CA ASP C 225 19.49 28.87 -31.45
C ASP C 225 20.89 29.26 -30.97
N THR C 226 21.05 30.48 -30.45
CA THR C 226 22.37 30.93 -30.00
C THR C 226 22.90 30.17 -28.78
N ALA C 227 22.13 30.03 -27.70
CA ALA C 227 22.61 29.27 -26.56
C ALA C 227 23.12 27.89 -27.02
N ALA C 228 22.27 27.19 -27.80
CA ALA C 228 22.60 25.87 -28.34
C ALA C 228 23.91 25.96 -29.11
N LEU C 229 24.04 27.02 -29.94
CA LEU C 229 25.28 27.19 -30.72
C LEU C 229 26.54 27.49 -29.84
N ALA C 230 26.41 28.42 -28.89
CA ALA C 230 27.48 28.68 -27.95
C ALA C 230 28.00 27.35 -27.35
N LEU C 231 27.08 26.53 -26.86
CA LEU C 231 27.42 25.29 -26.18
C LEU C 231 28.00 24.29 -27.16
N ALA C 232 27.45 24.21 -28.36
CA ALA C 232 28.02 23.33 -29.38
C ALA C 232 29.49 23.72 -29.72
N ARG C 233 29.74 25.02 -29.77
CA ARG C 233 31.07 25.57 -29.96
C ARG C 233 32.01 25.13 -28.84
N ALA C 234 31.54 25.31 -27.60
CA ALA C 234 32.37 25.07 -26.42
C ALA C 234 32.77 23.61 -26.39
N ALA C 235 31.83 22.77 -26.82
CA ALA C 235 31.99 21.34 -26.88
C ALA C 235 33.07 20.94 -27.87
N ARG C 236 33.00 21.47 -29.08
CA ARG C 236 34.02 21.15 -30.05
C ARG C 236 35.42 21.58 -29.60
N GLU C 237 35.49 22.64 -28.78
CA GLU C 237 36.75 23.15 -28.23
C GLU C 237 37.16 22.45 -26.94
N HIS C 238 36.27 21.62 -26.41
CA HIS C 238 36.51 20.96 -25.13
C HIS C 238 37.52 19.81 -25.28
N PRO C 239 38.47 19.72 -24.32
CA PRO C 239 39.58 18.73 -24.38
C PRO C 239 39.12 17.26 -24.35
N SER C 240 38.00 16.99 -23.67
CA SER C 240 37.56 15.62 -23.48
C SER C 240 36.20 15.27 -24.10
N LEU C 241 35.33 16.28 -24.26
CA LEU C 241 33.91 16.03 -24.53
C LEU C 241 33.67 15.40 -25.90
N GLU C 242 33.22 14.15 -25.90
CA GLU C 242 33.05 13.39 -27.14
C GLU C 242 31.63 13.46 -27.73
N LEU C 243 30.62 13.69 -26.88
CA LEU C 243 29.21 13.69 -27.33
C LEU C 243 28.31 14.68 -26.60
N LEU C 244 27.64 15.55 -27.36
CA LEU C 244 26.68 16.48 -26.78
C LEU C 244 25.25 16.28 -27.39
N HIS C 245 24.25 16.14 -26.51
CA HIS C 245 22.86 16.00 -26.94
C HIS C 245 22.13 17.31 -26.83
N LEU C 246 21.50 17.72 -27.95
CA LEU C 246 20.78 19.00 -28.02
C LEU C 246 19.38 18.89 -28.62
N TYR C 247 18.87 17.68 -28.74
CA TYR C 247 17.56 17.50 -29.36
C TYR C 247 16.45 18.01 -28.43
N PHE C 248 15.26 18.23 -28.97
CA PHE C 248 14.08 18.61 -28.18
C PHE C 248 14.22 19.96 -27.48
N ASN C 249 15.14 20.78 -27.97
CA ASN C 249 15.17 22.16 -27.55
C ASN C 249 14.41 23.02 -28.53
N GLU C 250 14.40 24.32 -28.29
CA GLU C 250 13.58 25.21 -29.10
C GLU C 250 14.35 25.77 -30.30
N LEU C 251 15.00 24.88 -31.06
CA LEU C 251 15.79 25.28 -32.23
C LEU C 251 14.95 25.49 -33.46
N SER C 252 15.29 26.52 -34.22
CA SER C 252 14.75 26.70 -35.54
C SER C 252 15.44 25.79 -36.54
N SER C 253 14.77 25.56 -37.68
CA SER C 253 15.23 24.60 -38.65
C SER C 253 16.55 25.02 -39.28
N GLU C 254 16.81 26.33 -39.31
CA GLU C 254 18.12 26.85 -39.73
C GLU C 254 19.14 26.74 -38.61
N GLY C 255 18.69 26.85 -37.36
CA GLY C 255 19.53 26.62 -36.21
C GLY C 255 20.11 25.23 -36.32
N ARG C 256 19.23 24.27 -36.63
CA ARG C 256 19.62 22.86 -36.71
C ARG C 256 20.71 22.60 -37.74
N GLN C 257 20.53 23.13 -38.94
CA GLN C 257 21.53 22.93 -39.99
C GLN C 257 22.91 23.43 -39.58
N VAL C 258 22.96 24.64 -39.02
CA VAL C 258 24.20 25.20 -38.51
C VAL C 258 24.86 24.22 -37.54
N LEU C 259 24.09 23.74 -36.57
CA LEU C 259 24.62 22.77 -35.62
C LEU C 259 25.14 21.52 -36.34
N ARG C 260 24.37 21.11 -37.36
CA ARG C 260 24.61 19.85 -38.05
C ARG C 260 25.91 19.96 -38.80
N ASP C 261 26.09 21.09 -39.47
CA ASP C 261 27.23 21.41 -40.32
C ASP C 261 28.57 21.62 -39.58
N LEU C 262 28.49 21.85 -38.28
CA LEU C 262 29.66 22.20 -37.46
C LEU C 262 30.53 20.98 -37.12
N GLY C 269 36.75 16.42 -33.09
CA GLY C 269 35.39 15.91 -33.31
C GLY C 269 34.58 15.58 -32.05
N ALA C 270 33.95 16.61 -31.49
CA ALA C 270 32.86 16.38 -30.54
C ALA C 270 31.57 16.25 -31.38
N ARG C 271 30.80 15.21 -31.11
CA ARG C 271 29.61 14.95 -31.90
C ARG C 271 28.40 15.61 -31.26
N VAL C 272 27.72 16.45 -32.04
CA VAL C 272 26.54 17.14 -31.59
C VAL C 272 25.27 16.51 -32.17
N VAL C 273 24.40 15.98 -31.30
CA VAL C 273 23.12 15.45 -31.75
C VAL C 273 21.99 16.49 -31.64
N VAL C 274 21.44 16.86 -32.79
CA VAL C 274 20.42 17.91 -32.83
C VAL C 274 19.02 17.40 -33.12
N SER C 275 18.96 16.22 -33.72
CA SER C 275 17.73 15.59 -34.04
C SER C 275 17.75 14.19 -33.47
N LEU C 276 16.78 13.87 -32.64
CA LEU C 276 16.64 12.53 -32.12
C LEU C 276 16.51 11.53 -33.27
N THR C 277 16.10 12.00 -34.45
CA THR C 277 15.90 11.08 -35.56
C THR C 277 17.06 11.12 -36.57
N VAL C 282 20.74 8.07 -31.53
CA VAL C 282 20.34 6.77 -32.07
C VAL C 282 19.87 5.80 -30.96
N SER C 283 19.55 6.35 -29.79
CA SER C 283 19.18 5.55 -28.59
C SER C 283 18.14 6.21 -27.69
N GLU C 284 18.28 7.52 -27.54
CA GLU C 284 17.67 8.28 -26.46
C GLU C 284 16.15 8.35 -26.57
N TYR C 285 15.61 7.40 -27.32
CA TYR C 285 14.24 7.39 -27.77
C TYR C 285 13.22 7.28 -26.64
N TRP C 286 13.41 6.30 -25.76
CA TRP C 286 12.55 6.15 -24.59
C TRP C 286 13.02 7.05 -23.47
N SER C 287 14.31 7.34 -23.39
CA SER C 287 14.81 8.22 -22.35
C SER C 287 13.88 9.44 -22.14
N VAL C 288 13.41 10.02 -23.24
CA VAL C 288 12.40 11.11 -23.24
C VAL C 288 10.98 10.71 -22.82
N ILE C 289 10.49 9.59 -23.35
CA ILE C 289 9.12 9.15 -23.08
C ILE C 289 9.03 8.18 -21.87
N LEU C 290 10.05 7.32 -21.70
CA LEU C 290 10.14 6.35 -20.55
C LEU C 290 10.05 7.02 -19.18
N SER C 291 10.35 8.30 -19.15
CA SER C 291 10.21 9.13 -17.97
C SER C 291 8.76 9.53 -17.64
N GLU C 292 7.82 9.27 -18.55
CA GLU C 292 6.41 9.67 -18.36
C GLU C 292 5.57 8.63 -17.60
N VAL C 293 5.90 7.36 -17.78
CA VAL C 293 5.24 6.26 -17.07
C VAL C 293 5.70 6.14 -15.62
N GLN C 294 6.87 6.68 -15.33
CA GLN C 294 7.46 6.55 -14.01
C GLN C 294 6.94 7.63 -13.07
N VAL C 305 5.73 -2.83 -21.88
CA VAL C 305 7.17 -2.91 -21.73
C VAL C 305 7.54 -4.24 -21.08
N GLN C 306 6.53 -4.84 -20.42
CA GLN C 306 6.61 -6.16 -19.78
C GLN C 306 7.41 -7.21 -20.57
N ARG C 307 7.52 -7.03 -21.89
CA ARG C 307 8.38 -7.84 -22.74
C ARG C 307 9.31 -6.94 -23.57
N HIS C 308 8.75 -5.85 -24.09
CA HIS C 308 9.42 -4.92 -25.02
C HIS C 308 10.77 -4.46 -24.49
N LEU C 309 10.81 -4.26 -23.17
CA LEU C 309 12.01 -3.92 -22.42
C LEU C 309 13.22 -4.72 -22.91
N GLU C 310 13.27 -6.01 -22.54
CA GLU C 310 14.37 -6.90 -22.87
C GLU C 310 14.52 -7.12 -24.36
N LEU C 311 13.42 -7.05 -25.10
CA LEU C 311 13.45 -7.34 -26.53
C LEU C 311 14.21 -6.32 -27.36
N LEU C 312 14.36 -5.11 -26.85
CA LEU C 312 15.31 -4.16 -27.43
C LEU C 312 16.79 -4.51 -27.25
N LEU C 313 17.18 -5.01 -26.07
CA LEU C 313 18.53 -5.56 -25.90
C LEU C 313 18.67 -6.94 -26.57
N ARG C 314 17.76 -7.86 -26.23
CA ARG C 314 17.66 -9.13 -26.94
C ARG C 314 17.76 -8.93 -28.45
N ASP C 315 17.29 -7.76 -28.92
CA ASP C 315 17.39 -7.40 -30.34
C ASP C 315 18.70 -6.68 -30.66
N LEU C 316 19.10 -5.73 -29.82
CA LEU C 316 20.32 -4.94 -30.06
C LEU C 316 21.62 -5.69 -29.73
N GLU C 317 21.53 -6.72 -28.87
CA GLU C 317 22.68 -7.60 -28.58
C GLU C 317 22.94 -8.52 -29.79
N ASP C 318 21.89 -9.20 -30.25
CA ASP C 318 21.97 -10.06 -31.44
C ASP C 318 22.28 -9.25 -32.68
N SER C 319 22.43 -7.93 -32.49
CA SER C 319 22.84 -7.04 -33.55
C SER C 319 24.19 -6.41 -33.21
N ARG C 320 24.56 -6.47 -31.93
CA ARG C 320 25.88 -6.00 -31.49
C ARG C 320 26.90 -7.06 -31.90
N GLY C 321 26.43 -8.29 -32.03
CA GLY C 321 27.29 -9.44 -32.35
C GLY C 321 27.14 -9.91 -33.79
N ALA C 322 27.15 -8.94 -34.71
CA ALA C 322 27.12 -9.21 -36.15
C ALA C 322 27.58 -7.97 -36.96
N THR C 323 28.68 -7.34 -36.53
CA THR C 323 29.28 -6.20 -37.27
C THR C 323 30.81 -6.29 -37.25
N PRO C 326 32.84 -2.96 -37.60
CA PRO C 326 34.07 -2.70 -36.87
C PRO C 326 34.18 -1.25 -36.36
N TRP C 327 34.46 -0.31 -37.26
CA TRP C 327 34.72 1.09 -36.90
C TRP C 327 33.62 1.73 -36.04
N ARG C 328 32.42 1.15 -36.11
CA ARG C 328 31.29 1.63 -35.31
C ARG C 328 30.60 0.50 -34.53
N LYS C 329 31.39 -0.47 -34.07
CA LYS C 329 30.90 -1.52 -33.16
C LYS C 329 30.74 -0.98 -31.74
N ALA C 330 31.45 0.12 -31.45
CA ALA C 330 31.39 0.79 -30.14
C ALA C 330 30.07 1.49 -29.89
N GLN C 331 29.58 2.23 -30.90
CA GLN C 331 28.33 3.00 -30.77
C GLN C 331 27.09 2.11 -30.58
N LEU C 332 27.18 0.85 -30.99
CA LEU C 332 26.12 -0.11 -30.70
C LEU C 332 26.13 -0.45 -29.21
N LEU C 333 27.33 -0.49 -28.63
CA LEU C 333 27.50 -0.85 -27.22
C LEU C 333 26.95 0.21 -26.25
N ARG C 334 27.31 1.48 -26.46
CA ARG C 334 26.91 2.56 -25.54
C ARG C 334 25.45 3.00 -25.74
N VAL C 335 24.85 2.54 -26.85
CA VAL C 335 23.40 2.62 -27.08
C VAL C 335 22.67 1.42 -26.46
N GLU C 336 23.37 0.28 -26.39
CA GLU C 336 22.89 -0.90 -25.64
C GLU C 336 22.94 -0.65 -24.12
N GLY C 337 23.95 0.11 -23.69
CA GLY C 337 24.13 0.53 -22.30
C GLY C 337 23.15 1.58 -21.82
N GLU C 338 22.73 2.48 -22.71
CA GLU C 338 21.63 3.40 -22.40
C GLU C 338 20.31 2.65 -22.21
N VAL C 339 20.21 1.49 -22.87
CA VAL C 339 19.08 0.57 -22.71
C VAL C 339 19.29 -0.33 -21.50
N ARG C 340 20.41 -1.07 -21.49
CA ARG C 340 20.73 -2.00 -20.41
C ARG C 340 20.49 -1.33 -19.08
N ALA C 341 20.58 0.00 -19.07
CA ALA C 341 20.20 0.83 -17.91
C ALA C 341 18.71 0.69 -17.62
N LEU C 342 17.89 1.24 -18.52
CA LEU C 342 16.43 1.32 -18.34
C LEU C 342 15.71 -0.03 -18.16
N LEU C 343 16.24 -1.09 -18.78
CA LEU C 343 15.88 -2.49 -18.52
C LEU C 343 15.74 -2.91 -17.04
N GLU C 344 16.80 -2.75 -16.25
CA GLU C 344 16.74 -2.96 -14.79
C GLU C 344 16.23 -1.71 -14.05
N GLN C 345 16.52 -0.53 -14.61
CA GLN C 345 16.14 0.78 -14.02
C GLN C 345 14.62 0.92 -14.00
PT PT D . -21.84 14.97 7.03
PT PT E . 7.68 -4.41 24.89
PT PT F . -15.51 -15.37 -18.47
PT PT G . 8.39 19.00 -17.97
#